data_3OO6
#
_entry.id   3OO6
#
_cell.length_a   47.835
_cell.length_b   98.812
_cell.length_c   95.732
_cell.angle_alpha   90.000
_cell.angle_beta   95.040
_cell.angle_gamma   90.000
#
_symmetry.space_group_name_H-M   'P 1 21 1'
#
loop_
_entity.id
_entity.type
_entity.pdbx_description
1 polymer 'ABC transporter binding protein AcbH'
2 non-polymer beta-D-galactopyranose
3 non-polymer 'SULFATE ION'
4 water water
#
_entity_poly.entity_id   1
_entity_poly.type   'polypeptide(L)'
_entity_poly.pdbx_seq_one_letter_code
;MGSSHHHHHHSSGLVPRGSHMSVSDGNGPITFGSNYSDEAPKAAFASLMQQATTSTTVPVTVNTTDHNTFQNNISNYLQG
TPDSLATWFAGYRLQFFAAQGLLTPIDDVWDKIGGTFNDAAKSLSKGLDGHYYLVPLYNYPWVVFYNKSVFQSKGYEVPA
SWEAFIALARKMQSDGLVPLAFADKDGWPALGTFDILNLRINGYDYHIKLMKHEVPWTDPGVTKVFDQWRELAAYQQKGA
NGRTWQDAAKALENKQAGMMFQGSNQVAANYSAKNLPDLDFFVFPAINPQYGTDYMDAPTDGFILPKKGKNAAAAKKVLQ
YIGTAEAEAAFLKTDHWDVGLANGLIAPTYNDIQKKSVAEIGKCKSVSQFMDRDTVPDMANAMIKLIQQFIDQPTPETIA
TVQKSAEDQAKTIFR
;
_entity_poly.pdbx_strand_id   A,B
#
# COMPACT_ATOMS: atom_id res chain seq x y z
N GLY A 26 3.64 -2.92 26.51
CA GLY A 26 3.57 -3.25 25.07
C GLY A 26 2.36 -2.63 24.38
N ASN A 27 2.28 -1.30 24.40
CA ASN A 27 1.17 -0.60 23.74
C ASN A 27 1.62 0.22 22.51
N GLY A 28 2.93 0.25 22.28
CA GLY A 28 3.49 1.17 21.27
C GLY A 28 3.22 0.69 19.86
N PRO A 29 3.45 1.54 18.85
CA PRO A 29 2.84 1.30 17.55
C PRO A 29 3.39 0.07 16.83
N ILE A 30 2.54 -0.55 16.02
CA ILE A 30 2.83 -1.78 15.30
CA ILE A 30 2.96 -1.71 15.26
C ILE A 30 2.69 -1.56 13.78
N THR A 31 3.34 -2.41 13.01
CA THR A 31 3.35 -2.34 11.57
C THR A 31 2.80 -3.72 11.13
N PHE A 32 1.96 -3.74 10.10
CA PHE A 32 1.27 -4.98 9.73
C PHE A 32 1.39 -5.27 8.21
N GLY A 33 2.12 -6.33 7.85
CA GLY A 33 2.31 -6.64 6.44
C GLY A 33 1.14 -7.46 5.91
N SER A 34 0.62 -7.08 4.75
CA SER A 34 -0.65 -7.63 4.28
C SER A 34 -0.62 -7.99 2.80
N ASN A 35 -1.16 -9.16 2.48
CA ASN A 35 -1.38 -9.60 1.10
C ASN A 35 -2.84 -9.38 0.63
N TYR A 36 -3.66 -8.75 1.47
CA TYR A 36 -5.03 -8.39 1.10
C TYR A 36 -5.01 -7.13 0.24
N SER A 37 -4.72 -7.30 -1.06
CA SER A 37 -4.48 -6.18 -1.95
C SER A 37 -5.71 -5.89 -2.81
N ASP A 38 -6.54 -6.90 -3.00
CA ASP A 38 -7.84 -6.72 -3.66
C ASP A 38 -8.78 -5.88 -2.79
N GLU A 39 -9.67 -5.15 -3.46
CA GLU A 39 -10.55 -4.17 -2.83
C GLU A 39 -11.33 -4.70 -1.61
N ALA A 40 -12.11 -5.74 -1.84
CA ALA A 40 -13.05 -6.19 -0.85
C ALA A 40 -12.36 -6.75 0.40
N PRO A 41 -11.35 -7.63 0.21
CA PRO A 41 -10.64 -8.14 1.39
C PRO A 41 -9.70 -7.09 2.04
N LYS A 42 -9.20 -6.15 1.24
CA LYS A 42 -8.42 -5.04 1.81
C LYS A 42 -9.27 -4.21 2.76
N ALA A 43 -10.50 -3.95 2.35
CA ALA A 43 -11.40 -3.15 3.15
C ALA A 43 -11.80 -3.89 4.42
N ALA A 44 -12.01 -5.20 4.29
CA ALA A 44 -12.39 -6.03 5.44
C ALA A 44 -11.27 -6.06 6.49
N PHE A 45 -10.02 -6.18 6.04
CA PHE A 45 -8.89 -6.19 6.95
C PHE A 45 -8.72 -4.82 7.64
N ALA A 46 -8.87 -3.74 6.87
CA ALA A 46 -8.77 -2.39 7.42
C ALA A 46 -9.78 -2.21 8.54
N SER A 47 -10.96 -2.79 8.37
CA SER A 47 -12.00 -2.65 9.35
C SER A 47 -11.67 -3.42 10.62
N LEU A 48 -11.03 -4.59 10.46
CA LEU A 48 -10.54 -5.35 11.59
C LEU A 48 -9.44 -4.59 12.34
N MET A 49 -8.58 -3.88 11.62
CA MET A 49 -7.50 -3.15 12.29
C MET A 49 -8.06 -1.92 13.00
N GLN A 50 -9.10 -1.33 12.44
CA GLN A 50 -9.80 -0.21 13.09
C GLN A 50 -10.31 -0.64 14.47
N GLN A 51 -11.00 -1.75 14.49
CA GLN A 51 -11.49 -2.34 15.71
C GLN A 51 -10.41 -2.88 16.64
N ALA A 52 -9.34 -3.42 16.06
CA ALA A 52 -8.23 -3.92 16.86
C ALA A 52 -7.54 -2.79 17.63
N THR A 53 -7.30 -1.68 16.94
CA THR A 53 -6.73 -0.50 17.60
C THR A 53 -7.65 0.05 18.70
N THR A 54 -8.95 0.12 18.41
CA THR A 54 -9.91 0.62 19.39
C THR A 54 -9.86 -0.17 20.68
N SER A 55 -9.87 -1.49 20.60
CA SER A 55 -9.94 -2.31 21.81
C SER A 55 -8.59 -2.53 22.49
N THR A 56 -7.53 -2.67 21.72
CA THR A 56 -6.20 -2.88 22.32
C THR A 56 -5.48 -1.59 22.68
N THR A 57 -5.84 -0.50 22.02
CA THR A 57 -5.07 0.76 22.11
C THR A 57 -3.82 0.79 21.20
N VAL A 58 -3.44 -0.35 20.63
CA VAL A 58 -2.24 -0.39 19.80
C VAL A 58 -2.46 0.27 18.44
N PRO A 59 -1.73 1.40 18.19
CA PRO A 59 -1.75 1.96 16.84
C PRO A 59 -1.22 0.94 15.85
N VAL A 60 -1.89 0.82 14.70
CA VAL A 60 -1.45 -0.11 13.67
C VAL A 60 -1.34 0.59 12.32
N THR A 61 -0.19 0.42 11.66
CA THR A 61 -0.02 0.89 10.30
C THR A 61 0.13 -0.28 9.34
N VAL A 62 -0.83 -0.39 8.43
CA VAL A 62 -0.84 -1.51 7.48
C VAL A 62 0.03 -1.21 6.26
N ASN A 63 0.95 -2.13 5.95
CA ASN A 63 1.71 -2.04 4.71
C ASN A 63 1.27 -3.15 3.76
N THR A 64 0.60 -2.77 2.68
CA THR A 64 0.06 -3.75 1.76
C THR A 64 0.95 -3.97 0.54
N THR A 65 1.09 -5.24 0.15
CA THR A 65 1.79 -5.63 -1.08
C THR A 65 0.89 -6.48 -1.96
N ASP A 66 0.98 -6.29 -3.26
CA ASP A 66 0.23 -7.12 -4.22
C ASP A 66 0.23 -8.58 -3.78
N HIS A 67 -0.91 -9.25 -3.95
CA HIS A 67 -1.15 -10.52 -3.29
C HIS A 67 -0.07 -11.56 -3.59
N ASN A 68 0.12 -11.86 -4.87
CA ASN A 68 1.04 -12.92 -5.28
C ASN A 68 2.48 -12.55 -4.95
N THR A 69 2.86 -11.32 -5.23
CA THR A 69 4.26 -10.94 -5.03
C THR A 69 4.64 -11.02 -3.55
N PHE A 70 3.65 -10.84 -2.67
CA PHE A 70 3.89 -11.00 -1.22
C PHE A 70 4.28 -12.43 -0.82
N GLN A 71 3.56 -13.43 -1.33
CA GLN A 71 3.97 -14.82 -1.10
C GLN A 71 5.21 -15.21 -1.93
N ASN A 72 5.32 -14.65 -3.14
CA ASN A 72 6.50 -14.92 -3.97
C ASN A 72 7.82 -14.44 -3.33
N ASN A 73 7.74 -13.42 -2.49
CA ASN A 73 8.95 -12.87 -1.87
C ASN A 73 9.02 -13.03 -0.34
N ILE A 74 8.30 -14.02 0.19
CA ILE A 74 8.12 -14.16 1.62
C ILE A 74 9.46 -14.41 2.33
N SER A 75 10.37 -15.09 1.64
CA SER A 75 11.67 -15.38 2.22
C SER A 75 12.53 -14.12 2.45
N ASN A 76 12.89 -13.43 1.37
CA ASN A 76 13.52 -12.11 1.52
C ASN A 76 12.80 -11.15 2.47
N TYR A 77 11.47 -11.20 2.44
CA TYR A 77 10.67 -10.35 3.31
C TYR A 77 10.96 -10.66 4.77
N LEU A 78 10.89 -11.94 5.15
CA LEU A 78 11.10 -12.33 6.53
C LEU A 78 12.55 -12.17 6.97
N GLN A 79 13.47 -12.25 6.02
CA GLN A 79 14.90 -12.20 6.33
C GLN A 79 15.43 -10.76 6.38
N GLY A 80 14.63 -9.82 5.87
CA GLY A 80 15.08 -8.45 5.70
C GLY A 80 14.66 -7.62 6.89
N THR A 81 13.65 -6.78 6.68
CA THR A 81 13.12 -5.98 7.75
C THR A 81 11.61 -6.02 7.68
N PRO A 82 11.04 -7.14 8.10
CA PRO A 82 9.59 -7.34 8.03
C PRO A 82 8.82 -6.53 9.04
N ASP A 83 7.50 -6.49 8.86
CA ASP A 83 6.58 -5.80 9.75
C ASP A 83 6.39 -6.55 11.07
N SER A 84 5.70 -5.90 12.01
CA SER A 84 5.57 -6.43 13.38
C SER A 84 4.75 -7.71 13.36
N LEU A 85 3.79 -7.76 12.44
CA LEU A 85 2.91 -8.91 12.26
C LEU A 85 2.70 -9.03 10.75
N ALA A 86 2.29 -10.20 10.30
CA ALA A 86 2.03 -10.36 8.87
C ALA A 86 0.94 -11.36 8.60
N THR A 87 0.19 -11.10 7.53
CA THR A 87 -0.71 -12.09 6.98
C THR A 87 0.09 -13.29 6.47
N TRP A 88 -0.40 -14.49 6.76
CA TRP A 88 0.16 -15.70 6.16
C TRP A 88 -0.84 -16.85 6.15
N PHE A 89 -0.34 -18.06 5.92
CA PHE A 89 -1.16 -19.25 5.67
C PHE A 89 -0.82 -20.36 6.66
N ALA A 90 -1.75 -21.29 6.85
CA ALA A 90 -1.59 -22.34 7.86
C ALA A 90 -1.01 -23.59 7.24
N GLY A 91 -0.85 -24.63 8.06
CA GLY A 91 -0.44 -25.94 7.55
C GLY A 91 1.00 -25.92 7.12
N TYR A 92 1.34 -26.71 6.11
CA TYR A 92 2.74 -26.84 5.74
C TYR A 92 3.36 -25.50 5.31
N ARG A 93 2.57 -24.63 4.69
CA ARG A 93 3.08 -23.33 4.23
C ARG A 93 3.54 -22.47 5.41
N LEU A 94 2.98 -22.72 6.59
CA LEU A 94 3.46 -22.14 7.85
C LEU A 94 4.73 -22.84 8.34
N GLN A 95 4.66 -24.16 8.51
CA GLN A 95 5.75 -24.97 9.02
C GLN A 95 7.08 -24.72 8.30
N PHE A 96 7.03 -24.64 6.97
CA PHE A 96 8.25 -24.60 6.15
C PHE A 96 9.13 -23.41 6.54
N PHE A 97 8.50 -22.28 6.85
CA PHE A 97 9.23 -21.07 7.19
C PHE A 97 9.43 -20.96 8.71
N ALA A 98 8.53 -21.53 9.50
CA ALA A 98 8.75 -21.67 10.94
C ALA A 98 10.01 -22.49 11.21
N ALA A 99 10.22 -23.54 10.41
CA ALA A 99 11.38 -24.41 10.57
C ALA A 99 12.71 -23.66 10.35
N GLN A 100 12.65 -22.52 9.67
CA GLN A 100 13.86 -21.78 9.33
C GLN A 100 14.25 -20.76 10.40
N GLY A 101 13.44 -20.65 11.45
CA GLY A 101 13.69 -19.71 12.55
C GLY A 101 13.29 -18.29 12.19
N LEU A 102 12.46 -18.16 11.17
CA LEU A 102 12.05 -16.84 10.66
C LEU A 102 10.89 -16.24 11.45
N LEU A 103 10.28 -17.05 12.32
CA LEU A 103 9.07 -16.66 13.00
C LEU A 103 9.25 -16.74 14.50
N THR A 104 8.54 -15.88 15.21
CA THR A 104 8.55 -15.93 16.67
C THR A 104 7.43 -16.87 17.14
N PRO A 105 7.76 -17.83 18.03
CA PRO A 105 6.74 -18.74 18.54
C PRO A 105 5.76 -17.97 19.46
N ILE A 106 4.53 -18.46 19.55
CA ILE A 106 3.42 -17.66 20.05
C ILE A 106 2.56 -18.45 21.08
N ASP A 107 3.22 -19.38 21.76
CA ASP A 107 2.60 -20.19 22.80
C ASP A 107 2.01 -19.40 23.94
N ASP A 108 2.64 -18.26 24.29
CA ASP A 108 2.06 -17.35 25.26
C ASP A 108 0.72 -16.76 24.83
N VAL A 109 0.60 -16.41 23.56
CA VAL A 109 -0.68 -15.90 23.05
C VAL A 109 -1.76 -16.98 23.12
N TRP A 110 -1.38 -18.20 22.76
CA TRP A 110 -2.32 -19.32 22.75
C TRP A 110 -2.73 -19.80 24.15
N ASP A 111 -1.92 -19.49 25.16
CA ASP A 111 -2.31 -19.74 26.54
C ASP A 111 -3.60 -18.99 26.85
N LYS A 112 -3.77 -17.81 26.25
CA LYS A 112 -4.98 -17.01 26.46
C LYS A 112 -6.10 -17.46 25.52
N ILE A 113 -5.77 -17.67 24.25
CA ILE A 113 -6.79 -17.85 23.22
C ILE A 113 -7.10 -19.32 22.94
N GLY A 114 -6.34 -20.22 23.58
CA GLY A 114 -6.41 -21.65 23.26
C GLY A 114 -7.80 -22.25 23.31
N GLY A 115 -8.59 -21.88 24.31
CA GLY A 115 -9.91 -22.47 24.50
C GLY A 115 -10.92 -22.14 23.41
N THR A 116 -10.58 -21.16 22.57
CA THR A 116 -11.49 -20.64 21.55
C THR A 116 -11.48 -21.47 20.25
N PHE A 117 -10.46 -22.30 20.05
CA PHE A 117 -10.24 -22.98 18.77
C PHE A 117 -10.27 -24.50 18.91
N ASN A 118 -10.57 -25.19 17.81
CA ASN A 118 -10.66 -26.63 17.82
C ASN A 118 -9.35 -27.33 17.41
N ASP A 119 -9.30 -28.64 17.63
CA ASP A 119 -8.05 -29.39 17.42
C ASP A 119 -7.48 -29.22 16.01
N ALA A 120 -8.36 -29.24 15.01
CA ALA A 120 -7.93 -29.07 13.63
C ALA A 120 -7.27 -27.70 13.39
N ALA A 121 -7.87 -26.64 13.95
CA ALA A 121 -7.28 -25.30 13.83
C ALA A 121 -5.95 -25.18 14.57
N LYS A 122 -5.81 -25.96 15.64
CA LYS A 122 -4.60 -25.94 16.45
C LYS A 122 -3.43 -26.61 15.75
N SER A 123 -3.65 -27.77 15.16
CA SER A 123 -2.55 -28.46 14.49
C SER A 123 -2.07 -27.70 13.24
N LEU A 124 -3.00 -27.04 12.55
CA LEU A 124 -2.69 -26.12 11.42
C LEU A 124 -1.89 -24.87 11.84
N SER A 125 -1.87 -24.58 13.15
CA SER A 125 -1.30 -23.31 13.66
C SER A 125 0.11 -23.51 14.22
N LYS A 126 0.59 -24.75 14.16
CA LYS A 126 1.81 -25.14 14.84
C LYS A 126 2.93 -25.40 13.84
N GLY A 127 4.17 -25.20 14.25
CA GLY A 127 5.33 -25.68 13.46
C GLY A 127 5.51 -27.18 13.63
N LEU A 128 6.51 -27.73 12.95
CA LEU A 128 6.93 -29.11 13.14
C LEU A 128 7.38 -29.39 14.58
N ASP A 129 7.91 -28.34 15.23
CA ASP A 129 8.45 -28.42 16.58
C ASP A 129 7.35 -28.45 17.64
N GLY A 130 6.10 -28.36 17.21
CA GLY A 130 4.97 -28.46 18.14
C GLY A 130 4.53 -27.11 18.72
N HIS A 131 5.28 -26.06 18.40
CA HIS A 131 5.02 -24.73 18.96
C HIS A 131 4.04 -24.01 18.07
N TYR A 132 3.25 -23.11 18.65
CA TYR A 132 2.35 -22.26 17.86
C TYR A 132 3.12 -21.14 17.17
N TYR A 133 2.77 -20.86 15.92
CA TYR A 133 3.34 -19.73 15.16
C TYR A 133 2.28 -18.86 14.46
N LEU A 134 1.03 -19.33 14.45
CA LEU A 134 -0.04 -18.66 13.72
C LEU A 134 -1.27 -18.43 14.62
N VAL A 135 -1.89 -17.26 14.48
CA VAL A 135 -3.26 -17.11 14.90
C VAL A 135 -4.17 -17.12 13.69
N PRO A 136 -5.09 -18.10 13.62
CA PRO A 136 -6.05 -18.21 12.52
C PRO A 136 -7.27 -17.31 12.70
N LEU A 137 -7.93 -16.98 11.59
CA LEU A 137 -9.08 -16.09 11.65
C LEU A 137 -10.30 -16.71 10.98
N TYR A 138 -10.09 -17.40 9.87
CA TYR A 138 -11.21 -17.89 9.07
C TYR A 138 -10.81 -19.01 8.15
N ASN A 139 -11.84 -19.66 7.61
CA ASN A 139 -11.76 -20.85 6.79
C ASN A 139 -12.52 -20.50 5.51
N TYR A 140 -12.32 -21.29 4.43
CA TYR A 140 -13.22 -21.25 3.25
C TYR A 140 -13.10 -22.46 2.33
N PRO A 141 -14.17 -22.74 1.56
CA PRO A 141 -14.26 -23.96 0.76
C PRO A 141 -13.87 -23.77 -0.70
N TRP A 142 -13.30 -24.81 -1.31
CA TRP A 142 -13.14 -24.87 -2.75
C TRP A 142 -14.23 -25.74 -3.40
N VAL A 143 -15.14 -25.08 -4.12
CA VAL A 143 -16.40 -25.67 -4.54
C VAL A 143 -16.80 -25.01 -5.85
N VAL A 144 -17.78 -25.59 -6.55
CA VAL A 144 -18.26 -25.05 -7.83
C VAL A 144 -19.37 -24.02 -7.64
N PHE A 145 -19.09 -22.80 -8.07
CA PHE A 145 -20.04 -21.70 -7.87
C PHE A 145 -20.94 -21.53 -9.10
N TYR A 146 -22.16 -21.07 -8.86
CA TYR A 146 -23.07 -20.76 -9.95
C TYR A 146 -24.10 -19.71 -9.49
N ASN A 147 -24.85 -19.15 -10.45
CA ASN A 147 -25.96 -18.24 -10.19
C ASN A 147 -27.29 -18.99 -10.12
N LYS A 148 -27.96 -18.90 -8.98
CA LYS A 148 -29.24 -19.59 -8.80
C LYS A 148 -30.25 -19.25 -9.89
N SER A 149 -30.34 -17.96 -10.26
CA SER A 149 -31.33 -17.50 -11.25
C SER A 149 -31.11 -18.14 -12.62
N VAL A 150 -29.84 -18.42 -12.95
CA VAL A 150 -29.50 -19.01 -14.23
C VAL A 150 -29.87 -20.50 -14.27
N PHE A 151 -29.48 -21.23 -13.23
CA PHE A 151 -29.87 -22.64 -13.14
C PHE A 151 -31.39 -22.77 -13.19
N GLN A 152 -32.07 -21.97 -12.36
CA GLN A 152 -33.52 -21.91 -12.35
C GLN A 152 -34.09 -21.67 -13.75
N SER A 153 -33.75 -20.53 -14.34
CA SER A 153 -34.39 -20.12 -15.59
C SER A 153 -34.00 -21.01 -16.77
N LYS A 154 -32.80 -21.58 -16.73
CA LYS A 154 -32.31 -22.39 -17.85
C LYS A 154 -32.54 -23.90 -17.60
N GLY A 155 -33.12 -24.22 -16.44
CA GLY A 155 -33.45 -25.61 -16.12
C GLY A 155 -32.22 -26.49 -15.93
N TYR A 156 -31.16 -25.91 -15.38
CA TYR A 156 -29.96 -26.68 -15.01
C TYR A 156 -30.16 -27.30 -13.63
N GLU A 157 -29.77 -28.57 -13.50
CA GLU A 157 -29.86 -29.25 -12.22
C GLU A 157 -28.48 -29.41 -11.61
N VAL A 158 -28.39 -29.30 -10.28
CA VAL A 158 -27.12 -29.50 -9.60
C VAL A 158 -26.62 -30.93 -9.86
N PRO A 159 -25.38 -31.07 -10.33
CA PRO A 159 -24.86 -32.42 -10.63
C PRO A 159 -24.20 -33.08 -9.42
N ALA A 160 -24.62 -34.29 -9.08
CA ALA A 160 -24.03 -35.04 -7.96
C ALA A 160 -22.82 -35.88 -8.39
N SER A 161 -22.71 -36.13 -9.69
CA SER A 161 -21.70 -37.06 -10.20
C SER A 161 -20.93 -36.48 -11.39
N TRP A 162 -19.75 -37.05 -11.66
CA TRP A 162 -18.97 -36.70 -12.85
C TRP A 162 -19.78 -36.72 -14.15
N GLU A 163 -20.46 -37.83 -14.41
CA GLU A 163 -21.22 -37.94 -15.65
C GLU A 163 -22.29 -36.85 -15.78
N ALA A 164 -23.03 -36.59 -14.71
CA ALA A 164 -24.02 -35.51 -14.69
C ALA A 164 -23.37 -34.11 -14.84
N PHE A 165 -22.20 -33.93 -14.24
CA PHE A 165 -21.42 -32.68 -14.34
C PHE A 165 -21.06 -32.43 -15.81
N ILE A 166 -20.52 -33.46 -16.45
CA ILE A 166 -20.14 -33.36 -17.86
C ILE A 166 -21.34 -33.11 -18.76
N ALA A 167 -22.44 -33.79 -18.50
CA ALA A 167 -23.67 -33.57 -19.26
C ALA A 167 -24.15 -32.13 -19.13
N LEU A 168 -24.05 -31.57 -17.93
CA LEU A 168 -24.47 -30.19 -17.69
C LEU A 168 -23.59 -29.18 -18.43
N ALA A 169 -22.29 -29.45 -18.44
CA ALA A 169 -21.35 -28.56 -19.12
C ALA A 169 -21.61 -28.60 -20.63
N ARG A 170 -22.01 -29.75 -21.13
CA ARG A 170 -22.32 -29.88 -22.56
C ARG A 170 -23.62 -29.16 -22.90
N LYS A 171 -24.56 -29.18 -21.96
CA LYS A 171 -25.81 -28.44 -22.10
C LYS A 171 -25.55 -26.92 -22.13
N MET A 172 -24.65 -26.44 -21.25
CA MET A 172 -24.25 -25.03 -21.24
C MET A 172 -23.63 -24.62 -22.55
N GLN A 173 -22.68 -25.45 -23.00
CA GLN A 173 -22.03 -25.24 -24.28
C GLN A 173 -23.04 -25.04 -25.40
N SER A 174 -24.02 -25.94 -25.48
CA SER A 174 -24.97 -25.88 -26.58
C SER A 174 -25.96 -24.71 -26.41
N ASP A 175 -26.11 -24.26 -25.17
CA ASP A 175 -26.83 -23.02 -24.83
C ASP A 175 -26.06 -21.71 -25.15
N GLY A 176 -24.83 -21.82 -25.63
CA GLY A 176 -24.03 -20.65 -26.02
C GLY A 176 -23.24 -20.01 -24.87
N LEU A 177 -23.01 -20.78 -23.81
CA LEU A 177 -22.37 -20.27 -22.61
C LEU A 177 -20.97 -20.88 -22.52
N VAL A 178 -20.05 -20.19 -21.88
CA VAL A 178 -18.87 -20.85 -21.35
C VAL A 178 -19.27 -21.70 -20.16
N PRO A 179 -18.97 -23.02 -20.20
CA PRO A 179 -19.45 -23.89 -19.12
C PRO A 179 -18.75 -23.57 -17.81
N LEU A 180 -17.44 -23.79 -17.75
CA LEU A 180 -16.64 -23.45 -16.56
C LEU A 180 -15.73 -22.29 -16.85
N ALA A 181 -15.99 -21.16 -16.21
CA ALA A 181 -15.03 -20.06 -16.18
C ALA A 181 -13.71 -20.52 -15.56
N PHE A 182 -12.60 -20.14 -16.18
CA PHE A 182 -11.28 -20.72 -15.83
C PHE A 182 -10.11 -19.75 -16.06
N ALA A 183 -9.24 -19.65 -15.06
CA ALA A 183 -8.14 -18.69 -15.08
C ALA A 183 -6.89 -19.32 -14.43
N ASP A 184 -5.74 -19.17 -15.08
CA ASP A 184 -4.49 -19.64 -14.47
C ASP A 184 -3.29 -18.72 -14.66
N LYS A 185 -3.52 -17.47 -15.06
CA LYS A 185 -2.40 -16.56 -15.18
C LYS A 185 -1.75 -16.35 -13.81
N ASP A 186 -2.54 -16.50 -12.74
CA ASP A 186 -2.07 -16.32 -11.34
C ASP A 186 -1.28 -17.54 -10.84
N GLY A 187 -1.29 -18.61 -11.64
CA GLY A 187 -0.41 -19.75 -11.37
C GLY A 187 -1.04 -20.72 -10.39
N TRP A 188 -1.46 -20.23 -9.24
CA TRP A 188 -2.00 -21.13 -8.22
C TRP A 188 -3.42 -21.69 -8.48
N PRO A 189 -4.28 -20.95 -9.21
CA PRO A 189 -5.69 -21.41 -9.23
C PRO A 189 -5.91 -22.82 -9.79
N ALA A 190 -5.11 -23.24 -10.76
CA ALA A 190 -5.33 -24.52 -11.45
C ALA A 190 -4.85 -25.69 -10.59
N LEU A 191 -4.03 -25.40 -9.59
CA LEU A 191 -3.64 -26.39 -8.58
C LEU A 191 -4.88 -26.96 -7.88
N GLY A 192 -5.92 -26.14 -7.79
CA GLY A 192 -7.17 -26.54 -7.15
C GLY A 192 -7.88 -27.64 -7.89
N THR A 193 -7.75 -27.62 -9.22
CA THR A 193 -8.35 -28.65 -10.03
C THR A 193 -7.62 -29.96 -9.88
N PHE A 194 -6.29 -29.90 -9.81
CA PHE A 194 -5.51 -31.12 -9.55
C PHE A 194 -5.87 -31.72 -8.18
N ASP A 195 -5.86 -30.86 -7.15
CA ASP A 195 -6.20 -31.27 -5.79
C ASP A 195 -7.52 -32.04 -5.79
N ILE A 196 -8.57 -31.43 -6.31
CA ILE A 196 -9.90 -32.01 -6.17
C ILE A 196 -10.10 -33.28 -6.99
N LEU A 197 -9.55 -33.31 -8.20
CA LEU A 197 -9.45 -34.54 -8.96
C LEU A 197 -8.70 -35.67 -8.22
N ASN A 198 -7.56 -35.32 -7.61
CA ASN A 198 -6.81 -36.26 -6.78
C ASN A 198 -7.63 -36.76 -5.59
N LEU A 199 -8.27 -35.83 -4.88
CA LEU A 199 -9.05 -36.19 -3.70
C LEU A 199 -10.26 -37.05 -4.05
N ARG A 200 -10.84 -36.80 -5.23
CA ARG A 200 -12.04 -37.55 -5.66
C ARG A 200 -11.66 -38.95 -6.15
N ILE A 201 -10.57 -39.03 -6.89
CA ILE A 201 -10.18 -40.27 -7.57
C ILE A 201 -9.33 -41.13 -6.64
N ASN A 202 -8.38 -40.48 -5.97
CA ASN A 202 -7.33 -41.18 -5.24
C ASN A 202 -7.51 -41.10 -3.71
N GLY A 203 -8.19 -40.05 -3.26
CA GLY A 203 -8.54 -39.90 -1.86
C GLY A 203 -7.52 -39.06 -1.13
N TYR A 204 -7.77 -38.83 0.14
CA TYR A 204 -7.08 -37.82 0.93
C TYR A 204 -5.72 -38.33 1.37
N ASP A 205 -5.69 -39.56 1.88
CA ASP A 205 -4.43 -40.14 2.33
C ASP A 205 -3.39 -40.20 1.20
N TYR A 206 -3.83 -40.57 0.00
CA TYR A 206 -2.95 -40.60 -1.17
C TYR A 206 -2.45 -39.18 -1.50
N HIS A 207 -3.35 -38.21 -1.43
CA HIS A 207 -3.01 -36.85 -1.81
C HIS A 207 -1.93 -36.25 -0.90
N ILE A 208 -2.04 -36.52 0.40
CA ILE A 208 -1.08 -35.99 1.37
C ILE A 208 0.25 -36.74 1.25
N LYS A 209 0.19 -38.04 0.99
CA LYS A 209 1.41 -38.79 0.62
C LYS A 209 2.15 -38.15 -0.53
N LEU A 210 1.44 -37.89 -1.62
CA LEU A 210 2.02 -37.24 -2.80
C LEU A 210 2.64 -35.88 -2.45
N MET A 211 1.92 -35.10 -1.64
CA MET A 211 2.42 -33.78 -1.20
C MET A 211 3.69 -33.91 -0.40
N LYS A 212 3.83 -35.00 0.37
CA LYS A 212 5.04 -35.26 1.16
C LYS A 212 6.08 -36.07 0.39
N HIS A 213 5.77 -36.36 -0.88
CA HIS A 213 6.61 -37.16 -1.75
C HIS A 213 6.85 -38.56 -1.19
N GLU A 214 5.85 -39.07 -0.47
CA GLU A 214 5.86 -40.48 -0.05
C GLU A 214 5.22 -41.38 -1.12
N VAL A 215 4.73 -40.77 -2.17
CA VAL A 215 4.35 -41.45 -3.39
C VAL A 215 4.93 -40.60 -4.54
N PRO A 216 5.43 -41.23 -5.61
CA PRO A 216 6.06 -40.48 -6.67
C PRO A 216 5.06 -39.88 -7.67
N TRP A 217 5.49 -38.84 -8.37
CA TRP A 217 4.62 -38.15 -9.31
C TRP A 217 4.43 -38.95 -10.61
N THR A 218 5.21 -40.02 -10.74
CA THR A 218 5.09 -40.94 -11.87
C THR A 218 4.00 -41.96 -11.62
N ASP A 219 3.48 -41.98 -10.38
CA ASP A 219 2.48 -42.97 -9.98
C ASP A 219 1.28 -42.89 -10.91
N PRO A 220 0.73 -44.06 -11.30
CA PRO A 220 -0.46 -44.17 -12.15
C PRO A 220 -1.70 -43.42 -11.65
N GLY A 221 -1.81 -43.19 -10.34
CA GLY A 221 -2.90 -42.39 -9.80
C GLY A 221 -2.88 -40.95 -10.28
N VAL A 222 -1.67 -40.38 -10.42
CA VAL A 222 -1.48 -39.07 -11.01
C VAL A 222 -1.87 -39.05 -12.50
N THR A 223 -1.52 -40.11 -13.23
CA THR A 223 -1.95 -40.22 -14.63
C THR A 223 -3.48 -40.15 -14.73
N LYS A 224 -4.15 -40.88 -13.84
CA LYS A 224 -5.60 -40.88 -13.78
C LYS A 224 -6.18 -39.47 -13.54
N VAL A 225 -5.51 -38.68 -12.71
CA VAL A 225 -5.93 -37.32 -12.46
C VAL A 225 -5.88 -36.52 -13.77
N PHE A 226 -4.73 -36.51 -14.42
CA PHE A 226 -4.59 -35.79 -15.67
C PHE A 226 -5.49 -36.34 -16.77
N ASP A 227 -5.75 -37.64 -16.75
CA ASP A 227 -6.63 -38.22 -17.77
C ASP A 227 -8.07 -37.70 -17.62
N GLN A 228 -8.56 -37.68 -16.38
CA GLN A 228 -9.89 -37.11 -16.09
C GLN A 228 -9.95 -35.66 -16.52
N TRP A 229 -8.86 -34.96 -16.29
CA TRP A 229 -8.79 -33.53 -16.58
C TRP A 229 -8.85 -33.27 -18.08
N ARG A 230 -8.29 -34.18 -18.89
CA ARG A 230 -8.43 -34.09 -20.34
C ARG A 230 -9.88 -34.06 -20.81
N GLU A 231 -10.75 -34.84 -20.19
CA GLU A 231 -12.18 -34.69 -20.49
C GLU A 231 -12.75 -33.35 -20.02
N LEU A 232 -12.41 -32.96 -18.80
CA LEU A 232 -12.87 -31.69 -18.23
C LEU A 232 -12.40 -30.47 -19.05
N ALA A 233 -11.22 -30.57 -19.64
CA ALA A 233 -10.55 -29.41 -20.25
C ALA A 233 -11.32 -28.80 -21.42
N ALA A 234 -12.09 -29.60 -22.14
CA ALA A 234 -12.85 -29.08 -23.29
C ALA A 234 -14.03 -28.21 -22.87
N TYR A 235 -14.32 -28.18 -21.57
CA TYR A 235 -15.40 -27.34 -21.05
C TYR A 235 -14.88 -26.23 -20.16
N GLN A 236 -13.57 -26.11 -20.07
CA GLN A 236 -12.97 -24.99 -19.36
C GLN A 236 -12.68 -23.82 -20.31
N GLN A 237 -13.02 -22.61 -19.85
CA GLN A 237 -12.76 -21.38 -20.58
C GLN A 237 -11.39 -21.36 -21.27
N LYS A 238 -11.39 -21.06 -22.57
CA LYS A 238 -10.15 -20.89 -23.33
C LYS A 238 -9.36 -19.68 -22.83
N GLY A 239 -8.09 -19.61 -23.22
CA GLY A 239 -7.23 -18.49 -22.91
C GLY A 239 -6.91 -18.38 -21.42
N ALA A 240 -6.98 -19.52 -20.73
CA ALA A 240 -6.96 -19.50 -19.26
C ALA A 240 -5.62 -19.05 -18.69
N ASN A 241 -4.54 -19.40 -19.36
CA ASN A 241 -3.22 -18.99 -18.90
C ASN A 241 -2.99 -17.48 -19.05
N GLY A 242 -3.84 -16.82 -19.82
CA GLY A 242 -3.75 -15.36 -19.98
C GLY A 242 -4.74 -14.61 -19.09
N ARG A 243 -5.50 -15.36 -18.28
CA ARG A 243 -6.62 -14.79 -17.52
C ARG A 243 -6.38 -14.73 -15.99
N THR A 244 -6.60 -13.55 -15.42
CA THR A 244 -6.61 -13.43 -13.97
C THR A 244 -7.91 -14.03 -13.47
N TRP A 245 -7.90 -14.50 -12.22
CA TRP A 245 -9.06 -15.22 -11.68
C TRP A 245 -10.24 -14.29 -11.51
N GLN A 246 -9.95 -13.02 -11.28
CA GLN A 246 -10.96 -12.00 -11.13
C GLN A 246 -11.80 -11.86 -12.39
N ASP A 247 -11.16 -11.95 -13.54
CA ASP A 247 -11.89 -11.83 -14.81
C ASP A 247 -12.77 -13.05 -15.07
N ALA A 248 -12.31 -14.22 -14.60
CA ALA A 248 -13.10 -15.43 -14.61
C ALA A 248 -14.32 -15.32 -13.73
N ALA A 249 -14.12 -14.86 -12.50
CA ALA A 249 -15.25 -14.60 -11.57
C ALA A 249 -16.21 -13.55 -12.13
N LYS A 250 -15.68 -12.58 -12.87
CA LYS A 250 -16.50 -11.54 -13.50
C LYS A 250 -17.42 -12.12 -14.58
N ALA A 251 -16.90 -13.04 -15.37
CA ALA A 251 -17.68 -13.70 -16.41
C ALA A 251 -18.82 -14.52 -15.83
N LEU A 252 -18.59 -15.13 -14.68
CA LEU A 252 -19.65 -15.83 -13.94
C LEU A 252 -20.68 -14.83 -13.41
N GLU A 253 -20.20 -13.80 -12.72
CA GLU A 253 -21.11 -12.79 -12.17
C GLU A 253 -21.90 -12.10 -13.28
N ASN A 254 -21.26 -11.92 -14.43
CA ASN A 254 -21.96 -11.31 -15.57
C ASN A 254 -22.72 -12.32 -16.43
N LYS A 255 -22.72 -13.58 -16.00
CA LYS A 255 -23.56 -14.61 -16.65
C LYS A 255 -23.09 -15.00 -18.04
N GLN A 256 -21.82 -14.74 -18.34
CA GLN A 256 -21.20 -15.26 -19.56
C GLN A 256 -20.68 -16.69 -19.35
N ALA A 257 -20.55 -17.09 -18.09
CA ALA A 257 -20.17 -18.49 -17.79
C ALA A 257 -21.20 -19.13 -16.88
N GLY A 258 -21.27 -20.46 -16.90
CA GLY A 258 -22.29 -21.19 -16.15
C GLY A 258 -21.90 -21.49 -14.72
N MET A 259 -20.62 -21.79 -14.52
CA MET A 259 -20.10 -22.10 -13.19
C MET A 259 -18.60 -21.80 -13.10
N MET A 260 -18.10 -21.79 -11.88
CA MET A 260 -16.67 -21.63 -11.66
C MET A 260 -16.25 -22.37 -10.42
N PHE A 261 -15.17 -23.11 -10.55
CA PHE A 261 -14.55 -23.78 -9.42
C PHE A 261 -13.39 -22.94 -8.87
N GLN A 262 -13.59 -22.39 -7.66
CA GLN A 262 -12.53 -21.81 -6.88
C GLN A 262 -12.90 -21.70 -5.39
N GLY A 263 -12.11 -20.96 -4.60
CA GLY A 263 -12.42 -20.74 -3.18
C GLY A 263 -13.41 -19.61 -3.00
N SER A 264 -14.24 -19.67 -1.96
CA SER A 264 -15.21 -18.60 -1.73
C SER A 264 -14.51 -17.29 -1.38
N ASN A 265 -13.32 -17.41 -0.80
CA ASN A 265 -12.50 -16.25 -0.49
C ASN A 265 -12.26 -15.42 -1.73
N GLN A 266 -12.23 -16.10 -2.88
CA GLN A 266 -12.04 -15.43 -4.17
C GLN A 266 -13.39 -15.06 -4.84
N VAL A 267 -14.14 -16.06 -5.25
CA VAL A 267 -15.34 -15.81 -6.05
C VAL A 267 -16.39 -14.94 -5.32
N ALA A 268 -16.75 -15.30 -4.09
CA ALA A 268 -17.78 -14.55 -3.34
C ALA A 268 -17.29 -13.19 -2.83
N ALA A 269 -15.98 -13.04 -2.63
CA ALA A 269 -15.40 -11.71 -2.31
C ALA A 269 -15.41 -10.78 -3.52
N ASN A 270 -15.37 -11.38 -4.71
CA ASN A 270 -15.33 -10.62 -5.98
C ASN A 270 -16.72 -10.15 -6.45
N TYR A 271 -17.75 -10.94 -6.15
CA TYR A 271 -19.12 -10.56 -6.44
C TYR A 271 -19.47 -9.25 -5.75
N SER A 272 -20.24 -8.43 -6.45
CA SER A 272 -20.94 -7.31 -5.82
C SER A 272 -21.74 -7.80 -4.62
N ALA A 273 -21.88 -6.97 -3.61
CA ALA A 273 -22.79 -7.29 -2.51
C ALA A 273 -24.23 -7.36 -3.00
N LYS A 274 -24.54 -6.52 -3.99
CA LYS A 274 -25.86 -6.54 -4.63
C LYS A 274 -26.15 -7.88 -5.32
N ASN A 275 -25.11 -8.54 -5.84
CA ASN A 275 -25.28 -9.78 -6.62
C ASN A 275 -25.08 -11.05 -5.78
N LEU A 276 -24.45 -10.89 -4.63
CA LEU A 276 -24.06 -12.02 -3.82
C LEU A 276 -25.23 -12.93 -3.44
N PRO A 277 -26.45 -12.36 -3.25
CA PRO A 277 -27.57 -13.24 -2.89
C PRO A 277 -27.93 -14.24 -3.97
N ASP A 278 -27.48 -14.01 -5.21
CA ASP A 278 -27.77 -14.91 -6.31
C ASP A 278 -26.73 -16.04 -6.38
N LEU A 279 -25.64 -15.89 -5.63
CA LEU A 279 -24.58 -16.87 -5.66
C LEU A 279 -24.91 -18.11 -4.83
N ASP A 280 -24.57 -19.28 -5.36
CA ASP A 280 -24.63 -20.52 -4.61
C ASP A 280 -23.52 -21.42 -5.10
N PHE A 281 -23.36 -22.59 -4.47
CA PHE A 281 -22.37 -23.55 -4.95
C PHE A 281 -22.83 -25.00 -4.78
N PHE A 282 -22.18 -25.91 -5.50
CA PHE A 282 -22.24 -27.33 -5.13
C PHE A 282 -20.82 -27.88 -4.98
N VAL A 283 -20.65 -28.89 -4.13
CA VAL A 283 -19.32 -29.46 -3.98
C VAL A 283 -18.94 -30.15 -5.28
N PHE A 284 -17.65 -30.24 -5.56
CA PHE A 284 -17.20 -30.87 -6.79
C PHE A 284 -17.78 -32.28 -6.85
N PRO A 285 -18.36 -32.66 -8.00
CA PRO A 285 -19.10 -33.92 -8.09
C PRO A 285 -18.23 -35.13 -7.79
N ALA A 286 -18.87 -36.21 -7.36
CA ALA A 286 -18.19 -37.47 -7.09
C ALA A 286 -17.67 -38.11 -8.39
N ILE A 287 -16.48 -38.70 -8.32
CA ILE A 287 -15.96 -39.50 -9.43
C ILE A 287 -15.87 -40.99 -9.06
N ASN A 288 -15.26 -41.28 -7.93
CA ASN A 288 -14.97 -42.64 -7.46
C ASN A 288 -15.75 -42.86 -6.17
N PRO A 289 -16.67 -43.83 -6.18
CA PRO A 289 -17.49 -44.11 -5.02
C PRO A 289 -16.68 -44.43 -3.77
N GLN A 290 -15.46 -44.92 -3.92
CA GLN A 290 -14.63 -45.17 -2.74
C GLN A 290 -14.41 -43.88 -1.95
N TYR A 291 -14.45 -42.73 -2.63
CA TYR A 291 -14.15 -41.44 -1.99
C TYR A 291 -15.30 -40.44 -2.05
N GLY A 292 -16.39 -40.83 -2.71
CA GLY A 292 -17.59 -40.00 -2.76
C GLY A 292 -17.25 -38.53 -2.90
N THR A 293 -17.81 -37.70 -2.01
CA THR A 293 -17.39 -36.31 -1.89
C THR A 293 -16.79 -36.06 -0.51
N ASP A 294 -15.96 -36.99 -0.06
CA ASP A 294 -15.51 -37.02 1.33
C ASP A 294 -14.58 -35.85 1.69
N TYR A 295 -13.90 -35.29 0.67
CA TYR A 295 -12.75 -34.40 0.89
C TYR A 295 -12.83 -33.11 0.07
N MET A 296 -12.13 -32.07 0.54
CA MET A 296 -11.96 -30.84 -0.22
C MET A 296 -10.76 -30.07 0.27
N ASP A 297 -10.32 -29.10 -0.53
CA ASP A 297 -9.47 -28.01 -0.05
C ASP A 297 -10.35 -26.97 0.67
N ALA A 298 -10.01 -26.68 1.93
CA ALA A 298 -10.62 -25.58 2.64
C ALA A 298 -9.56 -24.81 3.44
N PRO A 299 -8.77 -23.97 2.74
CA PRO A 299 -7.65 -23.20 3.30
C PRO A 299 -8.03 -22.41 4.57
N THR A 300 -7.15 -22.45 5.57
CA THR A 300 -7.24 -21.52 6.70
C THR A 300 -6.20 -20.40 6.55
N ASP A 301 -6.64 -19.16 6.79
CA ASP A 301 -5.76 -18.00 6.76
C ASP A 301 -5.57 -17.45 8.19
N GLY A 302 -4.42 -16.83 8.42
CA GLY A 302 -4.10 -16.32 9.75
C GLY A 302 -2.94 -15.35 9.73
N PHE A 303 -2.28 -15.22 10.86
CA PHE A 303 -1.30 -14.16 11.05
C PHE A 303 -0.10 -14.66 11.82
N ILE A 304 1.07 -14.21 11.39
CA ILE A 304 2.33 -14.59 12.02
C ILE A 304 3.03 -13.40 12.65
N LEU A 305 4.07 -13.68 13.43
CA LEU A 305 4.89 -12.65 14.07
C LEU A 305 6.33 -12.84 13.63
N PRO A 306 6.75 -12.11 12.59
CA PRO A 306 8.12 -12.28 12.08
C PRO A 306 9.15 -12.02 13.16
N LYS A 307 10.19 -12.86 13.17
CA LYS A 307 11.20 -12.83 14.21
C LYS A 307 11.96 -11.50 14.17
N LYS A 308 12.11 -10.95 12.97
CA LYS A 308 12.87 -9.71 12.80
C LYS A 308 11.97 -8.47 12.79
N GLY A 309 10.70 -8.65 13.15
CA GLY A 309 9.78 -7.51 13.29
C GLY A 309 10.00 -6.73 14.58
N LYS A 310 9.51 -5.50 14.60
CA LYS A 310 9.67 -4.64 15.77
C LYS A 310 8.46 -4.72 16.70
N ASN A 311 8.70 -4.46 17.98
CA ASN A 311 7.64 -4.37 18.99
C ASN A 311 6.78 -5.62 19.15
N ALA A 312 7.43 -6.73 19.46
CA ALA A 312 6.74 -8.00 19.60
C ALA A 312 5.73 -7.99 20.77
N ALA A 313 6.00 -7.22 21.83
CA ALA A 313 5.05 -7.15 22.96
C ALA A 313 3.70 -6.64 22.50
N ALA A 314 3.70 -5.49 21.84
CA ALA A 314 2.47 -4.89 21.28
C ALA A 314 1.83 -5.79 20.22
N ALA A 315 2.67 -6.46 19.45
CA ALA A 315 2.19 -7.31 18.36
C ALA A 315 1.36 -8.49 18.92
N LYS A 316 1.83 -9.09 20.00
CA LYS A 316 1.13 -10.20 20.65
C LYS A 316 -0.20 -9.77 21.23
N LYS A 317 -0.26 -8.53 21.71
CA LYS A 317 -1.50 -7.95 22.18
C LYS A 317 -2.52 -7.83 21.04
N VAL A 318 -2.07 -7.45 19.85
CA VAL A 318 -2.95 -7.43 18.70
C VAL A 318 -3.34 -8.84 18.28
N LEU A 319 -2.41 -9.79 18.41
CA LEU A 319 -2.70 -11.20 18.09
C LEU A 319 -3.71 -11.83 19.06
N GLN A 320 -3.53 -11.59 20.35
CA GLN A 320 -4.51 -12.04 21.32
C GLN A 320 -5.91 -11.51 21.01
N TYR A 321 -6.01 -10.26 20.56
CA TYR A 321 -7.30 -9.72 20.17
C TYR A 321 -7.83 -10.44 18.92
N ILE A 322 -6.96 -10.63 17.93
CA ILE A 322 -7.36 -11.28 16.69
C ILE A 322 -7.95 -12.66 17.00
N GLY A 323 -7.36 -13.38 17.96
CA GLY A 323 -7.78 -14.75 18.27
C GLY A 323 -8.99 -14.89 19.19
N THR A 324 -9.95 -13.98 19.04
CA THR A 324 -11.18 -14.01 19.84
C THR A 324 -12.42 -14.05 18.93
N ALA A 325 -13.52 -14.59 19.46
CA ALA A 325 -14.81 -14.59 18.76
C ALA A 325 -15.25 -13.18 18.43
N GLU A 326 -15.06 -12.27 19.39
CA GLU A 326 -15.38 -10.86 19.22
C GLU A 326 -14.77 -10.31 17.94
N ALA A 327 -13.46 -10.53 17.77
CA ALA A 327 -12.72 -10.05 16.59
C ALA A 327 -13.22 -10.68 15.28
N GLU A 328 -13.57 -11.95 15.35
CA GLU A 328 -14.05 -12.65 14.17
C GLU A 328 -15.41 -12.11 13.76
N ALA A 329 -16.28 -11.90 14.75
CA ALA A 329 -17.55 -11.24 14.53
C ALA A 329 -17.39 -9.81 13.96
N ALA A 330 -16.58 -8.99 14.61
CA ALA A 330 -16.26 -7.67 14.04
C ALA A 330 -15.88 -7.82 12.56
N PHE A 331 -14.98 -8.75 12.30
CA PHE A 331 -14.41 -8.91 10.96
C PHE A 331 -15.51 -9.30 9.95
N LEU A 332 -16.38 -10.22 10.37
CA LEU A 332 -17.40 -10.78 9.48
C LEU A 332 -18.60 -9.85 9.24
N LYS A 333 -18.59 -8.67 9.86
CA LYS A 333 -19.54 -7.61 9.51
C LYS A 333 -19.18 -7.06 8.12
N THR A 334 -17.94 -7.27 7.71
CA THR A 334 -17.49 -6.76 6.42
C THR A 334 -17.07 -7.86 5.46
N ASP A 335 -16.42 -8.90 5.99
CA ASP A 335 -16.16 -10.10 5.19
C ASP A 335 -17.42 -10.96 5.19
N HIS A 336 -17.99 -11.17 3.99
CA HIS A 336 -19.25 -11.91 3.85
C HIS A 336 -19.06 -13.17 3.02
N TRP A 337 -17.83 -13.59 2.88
CA TRP A 337 -17.49 -14.64 1.93
C TRP A 337 -16.67 -15.77 2.59
N ASP A 338 -16.12 -15.49 3.76
CA ASP A 338 -15.37 -16.47 4.51
C ASP A 338 -16.17 -16.90 5.75
N VAL A 339 -15.59 -17.83 6.51
CA VAL A 339 -16.25 -18.47 7.63
C VAL A 339 -15.32 -18.50 8.86
N GLY A 340 -15.76 -17.93 9.98
CA GLY A 340 -14.95 -17.79 11.18
C GLY A 340 -14.70 -19.11 11.92
N LEU A 341 -13.60 -19.17 12.66
CA LEU A 341 -13.13 -20.47 13.19
C LEU A 341 -13.43 -20.67 14.66
N ALA A 342 -13.74 -19.58 15.37
CA ALA A 342 -13.95 -19.65 16.83
C ALA A 342 -15.10 -20.58 17.22
N ASN A 343 -14.91 -21.34 18.30
CA ASN A 343 -15.86 -22.39 18.72
C ASN A 343 -17.25 -21.88 19.08
N GLY A 344 -17.31 -20.78 19.80
CA GLY A 344 -18.61 -20.27 20.25
C GLY A 344 -19.35 -19.44 19.19
N LEU A 345 -18.78 -19.34 18.00
CA LEU A 345 -19.11 -18.23 17.10
C LEU A 345 -20.58 -18.25 16.68
N ILE A 346 -21.33 -17.27 17.15
CA ILE A 346 -22.65 -16.98 16.61
C ILE A 346 -22.67 -15.59 15.94
N ALA A 347 -21.82 -15.43 14.93
CA ALA A 347 -21.72 -14.18 14.17
C ALA A 347 -22.85 -14.10 13.14
N PRO A 348 -23.98 -13.49 13.53
CA PRO A 348 -25.26 -13.68 12.86
C PRO A 348 -25.35 -12.94 11.52
N THR A 349 -24.24 -12.39 11.08
CA THR A 349 -24.20 -11.81 9.75
C THR A 349 -24.48 -12.86 8.66
N TYR A 350 -24.26 -14.14 8.98
CA TYR A 350 -24.05 -15.15 7.93
C TYR A 350 -25.13 -15.12 6.84
N ASN A 351 -24.69 -15.02 5.60
CA ASN A 351 -25.59 -15.28 4.47
C ASN A 351 -25.62 -16.78 4.16
N ASP A 352 -26.29 -17.13 3.08
CA ASP A 352 -26.44 -18.52 2.68
C ASP A 352 -25.13 -19.19 2.23
N ILE A 353 -24.29 -18.45 1.53
CA ILE A 353 -22.97 -18.96 1.15
C ILE A 353 -22.16 -19.39 2.39
N GLN A 354 -22.14 -18.53 3.41
CA GLN A 354 -21.37 -18.82 4.61
C GLN A 354 -21.94 -20.03 5.37
N LYS A 355 -23.26 -20.10 5.47
CA LYS A 355 -23.92 -21.20 6.17
C LYS A 355 -23.66 -22.54 5.50
N LYS A 356 -23.82 -22.58 4.18
CA LYS A 356 -23.49 -23.78 3.43
C LYS A 356 -22.01 -24.12 3.52
N SER A 357 -21.15 -23.11 3.60
CA SER A 357 -19.72 -23.35 3.80
C SER A 357 -19.45 -24.09 5.12
N VAL A 358 -20.00 -23.58 6.22
CA VAL A 358 -19.87 -24.26 7.51
C VAL A 358 -20.33 -25.73 7.39
N ALA A 359 -21.54 -25.94 6.85
CA ALA A 359 -22.10 -27.28 6.77
C ALA A 359 -21.28 -28.22 5.85
N GLU A 360 -20.90 -27.74 4.67
CA GLU A 360 -20.26 -28.63 3.69
C GLU A 360 -18.81 -28.96 4.08
N ILE A 361 -18.08 -27.96 4.57
CA ILE A 361 -16.80 -28.22 5.16
C ILE A 361 -16.89 -29.24 6.29
N GLY A 362 -17.85 -29.05 7.20
CA GLY A 362 -17.95 -29.88 8.39
C GLY A 362 -18.36 -31.30 8.05
N LYS A 363 -19.06 -31.46 6.93
CA LYS A 363 -19.43 -32.78 6.45
C LYS A 363 -18.23 -33.63 6.05
N CYS A 364 -17.21 -32.99 5.48
CA CYS A 364 -16.05 -33.75 4.98
C CYS A 364 -15.42 -34.57 6.11
N LYS A 365 -14.93 -35.75 5.79
CA LYS A 365 -14.17 -36.55 6.76
C LYS A 365 -12.90 -35.80 7.12
N SER A 366 -12.18 -35.41 6.09
CA SER A 366 -11.02 -34.54 6.23
C SER A 366 -11.01 -33.41 5.21
N VAL A 367 -10.24 -32.37 5.53
CA VAL A 367 -10.06 -31.23 4.64
C VAL A 367 -8.55 -31.02 4.46
N SER A 368 -8.10 -30.92 3.22
CA SER A 368 -6.73 -30.46 2.99
C SER A 368 -6.73 -28.93 2.88
N GLN A 369 -5.55 -28.35 2.66
CA GLN A 369 -5.45 -26.89 2.57
C GLN A 369 -5.51 -26.43 1.10
N PHE A 370 -4.43 -26.70 0.37
CA PHE A 370 -4.30 -26.42 -1.05
C PHE A 370 -2.90 -26.89 -1.42
N MET A 371 -2.66 -27.21 -2.68
CA MET A 371 -1.35 -27.77 -3.04
C MET A 371 -0.17 -26.90 -2.55
N ASP A 372 -0.22 -25.61 -2.84
CA ASP A 372 0.88 -24.71 -2.47
C ASP A 372 0.94 -24.38 -0.95
N ARG A 373 -0.04 -24.86 -0.21
CA ARG A 373 0.00 -24.81 1.27
C ARG A 373 0.38 -26.15 1.88
N ASP A 374 0.37 -27.21 1.09
CA ASP A 374 0.46 -28.58 1.62
C ASP A 374 1.77 -29.26 1.28
N THR A 375 2.56 -28.65 0.39
CA THR A 375 3.84 -29.21 -0.01
C THR A 375 4.95 -28.16 0.05
N VAL A 376 6.18 -28.59 -0.24
CA VAL A 376 7.32 -27.67 -0.31
C VAL A 376 7.05 -26.60 -1.38
N PRO A 377 7.24 -25.32 -1.02
CA PRO A 377 6.98 -24.23 -1.95
C PRO A 377 7.68 -24.43 -3.31
N ASP A 378 8.93 -24.88 -3.30
CA ASP A 378 9.63 -25.17 -4.58
C ASP A 378 8.90 -26.24 -5.41
N MET A 379 8.26 -27.20 -4.74
CA MET A 379 7.56 -28.25 -5.46
C MET A 379 6.24 -27.74 -6.04
N ALA A 380 5.50 -26.97 -5.25
CA ALA A 380 4.31 -26.27 -5.73
C ALA A 380 4.64 -25.37 -6.93
N ASN A 381 5.78 -24.69 -6.87
CA ASN A 381 6.20 -23.81 -7.97
C ASN A 381 6.48 -24.59 -9.24
N ALA A 382 7.13 -25.74 -9.12
CA ALA A 382 7.31 -26.66 -10.24
C ALA A 382 5.98 -27.12 -10.82
N MET A 383 5.04 -27.53 -9.96
CA MET A 383 3.72 -27.99 -10.40
C MET A 383 2.92 -26.87 -11.07
N ILE A 384 3.05 -25.66 -10.56
CA ILE A 384 2.31 -24.50 -11.11
C ILE A 384 2.61 -24.32 -12.58
N LYS A 385 3.89 -24.38 -12.91
CA LYS A 385 4.36 -24.30 -14.28
C LYS A 385 4.02 -25.54 -15.13
N LEU A 386 4.14 -26.74 -14.55
CA LEU A 386 3.82 -27.97 -15.30
C LEU A 386 2.37 -28.02 -15.67
N ILE A 387 1.51 -27.57 -14.77
CA ILE A 387 0.07 -27.60 -14.98
C ILE A 387 -0.37 -26.53 -15.98
N GLN A 388 0.30 -25.39 -15.97
CA GLN A 388 0.06 -24.39 -17.01
C GLN A 388 0.36 -24.99 -18.39
N GLN A 389 1.39 -25.81 -18.47
CA GLN A 389 1.82 -26.39 -19.74
C GLN A 389 0.86 -27.49 -20.16
N PHE A 390 0.31 -28.20 -19.18
CA PHE A 390 -0.81 -29.11 -19.45
C PHE A 390 -2.05 -28.35 -19.96
N ILE A 391 -2.40 -27.24 -19.33
CA ILE A 391 -3.53 -26.44 -19.79
C ILE A 391 -3.40 -26.14 -21.30
N ASP A 392 -2.20 -25.73 -21.73
CA ASP A 392 -1.98 -25.36 -23.13
C ASP A 392 -1.94 -26.54 -24.12
N GLN A 393 -1.58 -27.72 -23.64
CA GLN A 393 -1.50 -28.93 -24.49
C GLN A 393 -1.85 -30.18 -23.68
N PRO A 394 -3.15 -30.38 -23.42
CA PRO A 394 -3.64 -31.44 -22.54
C PRO A 394 -3.70 -32.80 -23.26
N THR A 395 -2.54 -33.29 -23.69
CA THR A 395 -2.43 -34.56 -24.38
C THR A 395 -1.76 -35.63 -23.51
N PRO A 396 -1.87 -36.90 -23.89
CA PRO A 396 -1.12 -37.92 -23.16
C PRO A 396 0.39 -37.69 -23.22
N GLU A 397 0.89 -37.15 -24.34
CA GLU A 397 2.32 -36.83 -24.45
C GLU A 397 2.76 -35.88 -23.35
N THR A 398 2.03 -34.79 -23.21
CA THR A 398 2.31 -33.81 -22.15
C THR A 398 2.23 -34.42 -20.76
N ILE A 399 1.24 -35.30 -20.54
CA ILE A 399 1.09 -35.91 -19.22
C ILE A 399 2.30 -36.75 -18.84
N ALA A 400 2.88 -37.46 -19.81
CA ALA A 400 4.07 -38.25 -19.57
C ALA A 400 5.22 -37.34 -19.13
N THR A 401 5.40 -36.22 -19.84
CA THR A 401 6.53 -35.31 -19.57
C THR A 401 6.33 -34.64 -18.21
N VAL A 402 5.08 -34.29 -17.92
CA VAL A 402 4.71 -33.69 -16.64
C VAL A 402 5.07 -34.59 -15.45
N GLN A 403 4.67 -35.86 -15.53
CA GLN A 403 4.98 -36.81 -14.47
C GLN A 403 6.48 -36.99 -14.26
N LYS A 404 7.23 -37.14 -15.36
CA LYS A 404 8.66 -37.35 -15.29
C LYS A 404 9.42 -36.12 -14.78
N SER A 405 9.01 -34.95 -15.27
CA SER A 405 9.56 -33.68 -14.80
C SER A 405 9.24 -33.41 -13.32
N ALA A 406 7.99 -33.60 -12.94
CA ALA A 406 7.58 -33.44 -11.53
C ALA A 406 8.35 -34.38 -10.60
N GLU A 407 8.47 -35.65 -10.99
CA GLU A 407 9.19 -36.63 -10.19
C GLU A 407 10.70 -36.37 -10.14
N ASP A 408 11.28 -35.90 -11.24
CA ASP A 408 12.69 -35.50 -11.23
C ASP A 408 12.95 -34.31 -10.31
N GLN A 409 12.13 -33.26 -10.42
CA GLN A 409 12.30 -32.10 -9.55
C GLN A 409 12.01 -32.44 -8.08
N ALA A 410 11.04 -33.32 -7.86
CA ALA A 410 10.71 -33.80 -6.50
C ALA A 410 11.90 -34.51 -5.82
N LYS A 411 12.62 -35.32 -6.58
CA LYS A 411 13.75 -36.03 -6.01
C LYS A 411 14.83 -35.06 -5.54
N THR A 412 15.02 -33.98 -6.29
CA THR A 412 15.94 -32.92 -5.86
C THR A 412 15.42 -32.12 -4.66
N ILE A 413 14.15 -31.76 -4.68
CA ILE A 413 13.63 -30.82 -3.69
C ILE A 413 13.53 -31.48 -2.32
N PHE A 414 13.12 -32.75 -2.29
CA PHE A 414 12.87 -33.47 -1.05
C PHE A 414 14.09 -34.23 -0.55
N ARG A 415 15.23 -34.05 -1.22
CA ARG A 415 16.49 -34.61 -0.73
C ARG A 415 17.08 -33.80 0.44
N GLY B 26 -24.78 9.03 3.20
CA GLY B 26 -23.34 9.03 2.83
C GLY B 26 -22.44 8.53 3.94
N ASN B 27 -22.67 7.29 4.38
CA ASN B 27 -21.83 6.68 5.41
C ASN B 27 -20.93 5.53 4.94
N GLY B 28 -21.07 5.14 3.67
CA GLY B 28 -20.67 3.80 3.25
C GLY B 28 -19.19 3.91 2.92
N PRO B 29 -18.52 2.78 2.64
CA PRO B 29 -17.07 2.78 2.71
C PRO B 29 -16.40 3.69 1.69
N ILE B 30 -15.28 4.21 2.22
CA ILE B 30 -14.46 5.09 1.42
C ILE B 30 -13.05 4.56 1.19
N THR B 31 -12.43 5.06 0.14
CA THR B 31 -11.12 4.66 -0.22
C THR B 31 -10.25 5.93 -0.35
N PHE B 32 -8.98 5.83 0.03
CA PHE B 32 -8.15 7.04 0.19
C PHE B 32 -6.77 6.82 -0.43
N GLY B 33 -6.53 7.42 -1.59
CA GLY B 33 -5.23 7.32 -2.23
C GLY B 33 -4.20 8.18 -1.49
N SER B 34 -3.06 7.58 -1.15
CA SER B 34 -2.07 8.28 -0.35
C SER B 34 -0.65 8.18 -0.90
N ASN B 35 0.06 9.31 -0.89
CA ASN B 35 1.48 9.36 -1.25
C ASN B 35 2.39 9.33 -0.01
N TYR B 36 1.79 9.09 1.15
CA TYR B 36 2.57 8.94 2.37
C TYR B 36 3.15 7.51 2.46
N SER B 37 4.31 7.31 1.84
CA SER B 37 4.85 5.98 1.67
C SER B 37 6.00 5.71 2.63
N ASP B 38 6.75 6.75 2.96
CA ASP B 38 7.79 6.63 4.00
C ASP B 38 7.15 6.33 5.38
N GLU B 39 7.91 5.63 6.21
CA GLU B 39 7.37 5.00 7.42
C GLU B 39 6.72 5.99 8.38
N ALA B 40 7.37 7.13 8.60
CA ALA B 40 6.90 8.07 9.61
C ALA B 40 5.58 8.75 9.23
N PRO B 41 5.52 9.33 8.02
CA PRO B 41 4.24 9.98 7.66
C PRO B 41 3.13 9.00 7.28
N LYS B 42 3.49 7.78 6.87
CA LYS B 42 2.50 6.74 6.67
C LYS B 42 1.76 6.41 7.98
N ALA B 43 2.51 6.26 9.08
CA ALA B 43 1.88 5.96 10.36
C ALA B 43 1.03 7.11 10.86
N ALA B 44 1.50 8.33 10.63
CA ALA B 44 0.78 9.51 11.06
C ALA B 44 -0.55 9.65 10.32
N PHE B 45 -0.54 9.38 9.02
CA PHE B 45 -1.78 9.39 8.25
C PHE B 45 -2.75 8.28 8.71
N ALA B 46 -2.22 7.08 8.89
CA ALA B 46 -3.03 5.96 9.32
C ALA B 46 -3.71 6.30 10.65
N SER B 47 -2.98 6.97 11.52
CA SER B 47 -3.51 7.42 12.80
C SER B 47 -4.63 8.45 12.65
N LEU B 48 -4.51 9.33 11.64
CA LEU B 48 -5.59 10.28 11.35
C LEU B 48 -6.82 9.55 10.83
N MET B 49 -6.61 8.51 10.01
CA MET B 49 -7.74 7.77 9.45
C MET B 49 -8.48 6.95 10.49
N GLN B 50 -7.72 6.40 11.44
CA GLN B 50 -8.32 5.76 12.64
C GLN B 50 -9.30 6.70 13.38
N GLN B 51 -8.84 7.91 13.67
CA GLN B 51 -9.65 8.90 14.38
C GLN B 51 -10.80 9.46 13.52
N ALA B 52 -10.55 9.58 12.22
CA ALA B 52 -11.59 9.92 11.23
C ALA B 52 -12.76 8.94 11.21
N THR B 53 -12.45 7.64 11.13
CA THR B 53 -13.50 6.63 11.13
C THR B 53 -14.27 6.61 12.46
N THR B 54 -13.54 6.65 13.57
CA THR B 54 -14.16 6.67 14.89
C THR B 54 -15.17 7.83 15.00
N SER B 55 -14.81 8.97 14.44
CA SER B 55 -15.59 10.19 14.66
C SER B 55 -16.74 10.30 13.69
N THR B 56 -16.52 9.89 12.44
CA THR B 56 -17.52 10.08 11.41
C THR B 56 -18.33 8.80 11.18
N THR B 57 -17.81 7.67 11.67
CA THR B 57 -18.36 6.35 11.34
C THR B 57 -18.05 5.86 9.91
N VAL B 58 -17.43 6.72 9.11
CA VAL B 58 -17.09 6.33 7.74
C VAL B 58 -15.88 5.40 7.69
N PRO B 59 -16.10 4.13 7.29
CA PRO B 59 -14.99 3.21 7.08
C PRO B 59 -14.06 3.74 6.00
N VAL B 60 -12.75 3.71 6.27
CA VAL B 60 -11.75 4.16 5.30
C VAL B 60 -10.73 3.06 5.02
N THR B 61 -10.41 2.86 3.74
CA THR B 61 -9.31 1.98 3.35
C THR B 61 -8.28 2.78 2.54
N VAL B 62 -7.08 2.90 3.09
CA VAL B 62 -6.00 3.64 2.44
C VAL B 62 -5.29 2.80 1.36
N ASN B 63 -5.18 3.37 0.17
CA ASN B 63 -4.35 2.79 -0.88
C ASN B 63 -3.12 3.65 -1.12
N THR B 64 -1.99 3.18 -0.60
CA THR B 64 -0.75 3.95 -0.62
C THR B 64 0.03 3.63 -1.88
N THR B 65 0.53 4.67 -2.55
CA THR B 65 1.50 4.49 -3.63
C THR B 65 2.80 5.20 -3.26
N ASP B 66 3.94 4.66 -3.70
CA ASP B 66 5.22 5.30 -3.47
C ASP B 66 5.16 6.80 -3.78
N HIS B 67 5.80 7.60 -2.94
CA HIS B 67 5.53 9.04 -2.92
C HIS B 67 5.74 9.67 -4.28
N ASN B 68 6.87 9.41 -4.91
CA ASN B 68 7.20 10.09 -6.15
C ASN B 68 6.55 9.49 -7.39
N THR B 69 6.37 8.17 -7.40
CA THR B 69 5.53 7.56 -8.44
C THR B 69 4.07 8.02 -8.44
N PHE B 70 3.55 8.39 -7.27
CA PHE B 70 2.18 8.89 -7.17
C PHE B 70 2.00 10.24 -7.89
N GLN B 71 2.90 11.18 -7.67
CA GLN B 71 2.80 12.47 -8.32
C GLN B 71 3.21 12.40 -9.81
N ASN B 72 4.16 11.52 -10.13
CA ASN B 72 4.49 11.18 -11.54
C ASN B 72 3.29 10.67 -12.37
N ASN B 73 2.33 10.03 -11.71
CA ASN B 73 1.22 9.41 -12.45
C ASN B 73 -0.15 10.00 -12.14
N ILE B 74 -0.16 11.22 -11.59
CA ILE B 74 -1.38 11.79 -11.01
C ILE B 74 -2.45 11.93 -12.07
N SER B 75 -2.01 12.14 -13.32
CA SER B 75 -2.92 12.35 -14.43
C SER B 75 -3.69 11.07 -14.80
N ASN B 76 -2.96 10.01 -15.10
CA ASN B 76 -3.60 8.70 -15.35
C ASN B 76 -4.43 8.24 -14.17
N TYR B 77 -3.94 8.51 -12.97
CA TYR B 77 -4.65 8.16 -11.74
C TYR B 77 -6.03 8.81 -11.69
N LEU B 78 -6.07 10.13 -11.85
CA LEU B 78 -7.34 10.88 -11.77
C LEU B 78 -8.26 10.53 -12.93
N GLN B 79 -7.67 10.22 -14.09
CA GLN B 79 -8.43 9.86 -15.28
C GLN B 79 -8.92 8.40 -15.27
N GLY B 80 -8.33 7.58 -14.43
CA GLY B 80 -8.60 6.14 -14.49
C GLY B 80 -9.71 5.75 -13.53
N THR B 81 -9.32 5.10 -12.45
CA THR B 81 -10.28 4.70 -11.44
C THR B 81 -9.76 5.18 -10.08
N PRO B 82 -9.76 6.50 -9.86
CA PRO B 82 -9.11 7.02 -8.66
C PRO B 82 -9.89 6.64 -7.41
N ASP B 83 -9.28 6.87 -6.25
CA ASP B 83 -9.94 6.67 -4.96
C ASP B 83 -10.98 7.77 -4.66
N SER B 84 -11.72 7.60 -3.57
CA SER B 84 -12.78 8.51 -3.18
C SER B 84 -12.19 9.86 -2.82
N LEU B 85 -11.03 9.81 -2.16
CA LEU B 85 -10.25 10.98 -1.72
C LEU B 85 -8.80 10.70 -2.00
N ALA B 86 -7.98 11.74 -2.10
CA ALA B 86 -6.56 11.56 -2.33
C ALA B 86 -5.75 12.67 -1.70
N THR B 87 -4.54 12.33 -1.27
CA THR B 87 -3.49 13.32 -0.97
C THR B 87 -3.14 14.12 -2.22
N TRP B 88 -3.05 15.43 -2.08
CA TRP B 88 -2.42 16.26 -3.11
C TRP B 88 -1.83 17.53 -2.53
N PHE B 89 -1.54 18.48 -3.40
CA PHE B 89 -0.81 19.67 -3.00
C PHE B 89 -1.63 20.91 -3.32
N ALA B 90 -1.32 22.01 -2.63
CA ALA B 90 -2.07 23.25 -2.79
C ALA B 90 -1.43 24.12 -3.87
N GLY B 91 -2.06 25.25 -4.17
CA GLY B 91 -1.50 26.26 -5.09
C GLY B 91 -1.63 25.86 -6.55
N TYR B 92 -0.66 26.23 -7.37
CA TYR B 92 -0.80 25.96 -8.80
C TYR B 92 -0.83 24.47 -9.12
N ARG B 93 -0.11 23.68 -8.34
CA ARG B 93 -0.17 22.24 -8.51
C ARG B 93 -1.58 21.65 -8.31
N LEU B 94 -2.41 22.30 -7.48
CA LEU B 94 -3.86 22.02 -7.42
C LEU B 94 -4.61 22.53 -8.66
N GLN B 95 -4.52 23.84 -8.89
CA GLN B 95 -5.14 24.50 -10.02
C GLN B 95 -4.95 23.81 -11.37
N PHE B 96 -3.71 23.44 -11.70
CA PHE B 96 -3.40 22.83 -12.99
C PHE B 96 -4.37 21.66 -13.28
N PHE B 97 -4.65 20.83 -12.29
CA PHE B 97 -5.51 19.65 -12.47
C PHE B 97 -6.99 19.95 -12.26
N ALA B 98 -7.30 20.88 -11.35
CA ALA B 98 -8.68 21.35 -11.19
C ALA B 98 -9.19 21.99 -12.47
N ALA B 99 -8.29 22.67 -13.20
CA ALA B 99 -8.69 23.30 -14.47
C ALA B 99 -9.05 22.27 -15.56
N GLN B 100 -8.62 21.02 -15.40
CA GLN B 100 -8.89 19.97 -16.39
C GLN B 100 -10.23 19.23 -16.16
N GLY B 101 -10.94 19.59 -15.10
CA GLY B 101 -12.23 18.95 -14.77
C GLY B 101 -12.07 17.60 -14.10
N LEU B 102 -10.89 17.36 -13.54
CA LEU B 102 -10.55 16.06 -12.97
C LEU B 102 -10.96 15.92 -11.50
N LEU B 103 -11.34 17.02 -10.87
CA LEU B 103 -11.66 17.02 -9.43
C LEU B 103 -13.05 17.54 -9.20
N THR B 104 -13.65 17.17 -8.07
CA THR B 104 -14.96 17.68 -7.68
C THR B 104 -14.82 18.91 -6.77
N PRO B 105 -15.61 19.97 -7.03
CA PRO B 105 -15.53 21.18 -6.18
C PRO B 105 -16.15 20.92 -4.79
N ILE B 106 -15.55 21.50 -3.77
CA ILE B 106 -15.89 21.23 -2.38
CA ILE B 106 -15.98 21.21 -2.40
C ILE B 106 -16.40 22.47 -1.65
N ASP B 107 -17.09 23.37 -2.37
CA ASP B 107 -17.62 24.58 -1.75
C ASP B 107 -18.58 24.24 -0.60
N ASP B 108 -19.37 23.17 -0.78
CA ASP B 108 -20.25 22.71 0.30
C ASP B 108 -19.49 22.32 1.54
N VAL B 109 -18.35 21.65 1.36
CA VAL B 109 -17.53 21.30 2.51
C VAL B 109 -16.98 22.57 3.17
N TRP B 110 -16.64 23.56 2.35
CA TRP B 110 -16.06 24.78 2.87
C TRP B 110 -17.10 25.73 3.50
N ASP B 111 -18.36 25.59 3.11
CA ASP B 111 -19.42 26.28 3.82
C ASP B 111 -19.37 25.92 5.30
N LYS B 112 -18.94 24.69 5.59
CA LYS B 112 -18.80 24.21 6.97
C LYS B 112 -17.44 24.55 7.60
N ILE B 113 -16.35 24.37 6.87
CA ILE B 113 -15.01 24.53 7.47
C ILE B 113 -14.37 25.91 7.28
N GLY B 114 -15.01 26.74 6.44
CA GLY B 114 -14.42 28.01 5.98
C GLY B 114 -13.99 28.95 7.10
N GLY B 115 -14.71 28.92 8.22
CA GLY B 115 -14.37 29.73 9.40
C GLY B 115 -13.03 29.37 10.05
N THR B 116 -12.51 28.20 9.70
CA THR B 116 -11.37 27.60 10.39
C THR B 116 -10.01 27.92 9.74
N PHE B 117 -10.03 28.51 8.55
CA PHE B 117 -8.79 28.80 7.83
C PHE B 117 -8.66 30.28 7.45
N ASN B 118 -7.44 30.76 7.31
CA ASN B 118 -7.23 32.16 6.99
C ASN B 118 -7.20 32.39 5.48
N ASP B 119 -7.08 33.64 5.08
CA ASP B 119 -7.12 34.00 3.68
C ASP B 119 -6.00 33.32 2.89
N ALA B 120 -4.81 33.23 3.49
CA ALA B 120 -3.70 32.52 2.87
C ALA B 120 -4.06 31.07 2.52
N ALA B 121 -4.51 30.29 3.50
CA ALA B 121 -4.94 28.89 3.26
C ALA B 121 -6.07 28.79 2.23
N LYS B 122 -6.93 29.80 2.20
CA LYS B 122 -8.07 29.79 1.29
C LYS B 122 -7.70 30.00 -0.17
N SER B 123 -6.86 31.00 -0.46
CA SER B 123 -6.38 31.17 -1.83
C SER B 123 -5.69 29.91 -2.34
N LEU B 124 -4.89 29.28 -1.49
CA LEU B 124 -4.13 28.10 -1.88
C LEU B 124 -5.02 26.87 -2.13
N SER B 125 -6.28 26.94 -1.67
CA SER B 125 -7.18 25.78 -1.72
C SER B 125 -8.17 25.86 -2.89
N LYS B 126 -7.96 26.85 -3.76
CA LYS B 126 -8.92 27.16 -4.82
C LYS B 126 -8.34 26.96 -6.22
N GLY B 127 -9.18 26.51 -7.16
CA GLY B 127 -8.83 26.53 -8.58
C GLY B 127 -8.76 27.94 -9.15
N LEU B 128 -8.38 28.06 -10.42
CA LEU B 128 -8.41 29.35 -11.12
C LEU B 128 -9.83 29.90 -11.25
N ASP B 129 -10.82 28.98 -11.26
CA ASP B 129 -12.25 29.34 -11.30
C ASP B 129 -12.83 29.83 -9.95
N GLY B 130 -11.98 29.92 -8.92
CA GLY B 130 -12.39 30.52 -7.65
C GLY B 130 -13.15 29.55 -6.76
N HIS B 131 -13.35 28.33 -7.25
CA HIS B 131 -13.96 27.27 -6.45
C HIS B 131 -12.92 26.58 -5.56
N TYR B 132 -13.35 26.11 -4.39
CA TYR B 132 -12.51 25.21 -3.56
C TYR B 132 -12.37 23.82 -4.16
N TYR B 133 -11.18 23.24 -4.05
CA TYR B 133 -10.93 21.87 -4.47
C TYR B 133 -10.12 21.09 -3.44
N LEU B 134 -9.55 21.78 -2.47
CA LEU B 134 -8.66 21.13 -1.52
C LEU B 134 -9.01 21.49 -0.09
N VAL B 135 -8.92 20.51 0.81
CA VAL B 135 -8.91 20.78 2.24
C VAL B 135 -7.49 20.60 2.75
N PRO B 136 -6.90 21.68 3.30
CA PRO B 136 -5.50 21.66 3.74
C PRO B 136 -5.40 21.08 5.14
N LEU B 137 -4.23 20.54 5.47
CA LEU B 137 -4.01 19.94 6.78
C LEU B 137 -2.85 20.61 7.54
N TYR B 138 -1.74 20.84 6.82
CA TYR B 138 -0.51 21.38 7.43
C TYR B 138 0.34 22.07 6.40
N ASN B 139 1.22 22.98 6.84
CA ASN B 139 2.37 23.35 6.04
C ASN B 139 3.66 23.08 6.78
N TYR B 140 4.80 23.37 6.14
CA TYR B 140 6.11 23.21 6.77
C TYR B 140 7.16 24.13 6.12
N PRO B 141 8.24 24.47 6.86
CA PRO B 141 9.25 25.37 6.33
C PRO B 141 10.38 24.67 5.57
N TRP B 142 10.90 25.33 4.55
CA TRP B 142 12.18 24.94 3.97
C TRP B 142 13.30 25.81 4.57
N VAL B 143 14.15 25.17 5.37
CA VAL B 143 15.12 25.87 6.22
C VAL B 143 16.35 24.99 6.34
N VAL B 144 17.39 25.52 6.97
CA VAL B 144 18.66 24.79 7.17
C VAL B 144 18.68 24.07 8.53
N PHE B 145 18.64 22.74 8.49
CA PHE B 145 18.63 21.92 9.70
C PHE B 145 20.05 21.61 10.17
N TYR B 146 20.20 21.52 11.49
CA TYR B 146 21.47 21.14 12.11
C TYR B 146 21.22 20.46 13.47
N ASN B 147 22.22 19.74 13.96
CA ASN B 147 22.19 19.16 15.30
C ASN B 147 22.71 20.12 16.36
N LYS B 148 21.86 20.44 17.34
CA LYS B 148 22.26 21.34 18.41
C LYS B 148 23.54 20.88 19.12
N SER B 149 23.61 19.58 19.44
CA SER B 149 24.76 19.04 20.17
C SER B 149 26.06 19.36 19.43
N VAL B 150 26.03 19.27 18.11
CA VAL B 150 27.22 19.46 17.30
C VAL B 150 27.62 20.93 17.27
N PHE B 151 26.66 21.82 17.02
CA PHE B 151 26.95 23.24 17.04
C PHE B 151 27.54 23.65 18.39
N GLN B 152 27.01 23.05 19.47
CA GLN B 152 27.48 23.29 20.85
C GLN B 152 28.95 22.87 21.01
N SER B 153 29.23 21.59 20.77
CA SER B 153 30.54 21.05 21.06
C SER B 153 31.62 21.48 20.07
N LYS B 154 31.21 21.92 18.88
CA LYS B 154 32.19 22.29 17.87
C LYS B 154 32.35 23.81 17.77
N GLY B 155 31.55 24.52 18.56
CA GLY B 155 31.61 25.99 18.59
C GLY B 155 31.17 26.63 17.28
N TYR B 156 30.11 26.09 16.68
CA TYR B 156 29.53 26.70 15.49
C TYR B 156 28.44 27.71 15.89
N GLU B 157 28.44 28.86 15.22
CA GLU B 157 27.39 29.87 15.39
C GLU B 157 26.34 29.75 14.29
N VAL B 158 25.07 29.98 14.64
CA VAL B 158 24.05 30.23 13.64
C VAL B 158 24.42 31.45 12.78
N PRO B 159 24.52 31.25 11.44
CA PRO B 159 24.86 32.35 10.53
C PRO B 159 23.65 33.15 10.12
N ALA B 160 23.75 34.48 10.22
CA ALA B 160 22.65 35.37 9.83
C ALA B 160 22.82 35.90 8.41
N SER B 161 24.00 35.72 7.84
CA SER B 161 24.30 36.29 6.54
C SER B 161 25.01 35.29 5.67
N TRP B 162 24.96 35.51 4.36
CA TRP B 162 25.73 34.71 3.41
C TRP B 162 27.18 34.59 3.85
N GLU B 163 27.84 35.74 4.04
CA GLU B 163 29.22 35.77 4.51
C GLU B 163 29.45 34.80 5.69
N ALA B 164 28.60 34.90 6.72
CA ALA B 164 28.73 34.03 7.89
C ALA B 164 28.45 32.55 7.54
N PHE B 165 27.56 32.35 6.58
CA PHE B 165 27.14 31.00 6.15
C PHE B 165 28.30 30.30 5.45
N ILE B 166 28.95 31.00 4.51
CA ILE B 166 30.11 30.45 3.81
C ILE B 166 31.27 30.18 4.76
N ALA B 167 31.53 31.11 5.68
CA ALA B 167 32.59 30.94 6.66
C ALA B 167 32.38 29.67 7.51
N LEU B 168 31.14 29.44 7.93
CA LEU B 168 30.80 28.25 8.70
C LEU B 168 31.01 26.96 7.91
N ALA B 169 30.64 26.99 6.64
CA ALA B 169 30.78 25.81 5.78
C ALA B 169 32.26 25.45 5.61
N ARG B 170 33.10 26.47 5.40
CA ARG B 170 34.54 26.28 5.30
C ARG B 170 35.10 25.71 6.60
N LYS B 171 34.56 26.17 7.73
CA LYS B 171 35.01 25.73 9.04
C LYS B 171 34.68 24.24 9.24
N MET B 172 33.50 23.84 8.79
CA MET B 172 33.09 22.45 8.85
C MET B 172 33.95 21.58 7.96
N GLN B 173 34.09 22.01 6.70
CA GLN B 173 35.04 21.39 5.77
C GLN B 173 36.38 21.17 6.49
N SER B 174 36.89 22.23 7.12
CA SER B 174 38.17 22.18 7.82
C SER B 174 38.17 21.18 9.00
N ASP B 175 37.01 21.00 9.62
CA ASP B 175 36.84 20.06 10.72
C ASP B 175 36.64 18.61 10.24
N GLY B 176 36.59 18.41 8.94
CA GLY B 176 36.50 17.06 8.38
C GLY B 176 35.07 16.62 8.12
N LEU B 177 34.15 17.58 8.14
CA LEU B 177 32.73 17.31 7.94
C LEU B 177 32.34 17.60 6.48
N VAL B 178 31.33 16.91 5.96
CA VAL B 178 30.56 17.46 4.84
C VAL B 178 29.74 18.63 5.39
N PRO B 179 29.88 19.82 4.79
CA PRO B 179 29.21 20.99 5.39
C PRO B 179 27.71 20.92 5.18
N LEU B 180 27.30 20.85 3.92
CA LEU B 180 25.89 20.66 3.56
C LEU B 180 25.63 19.29 2.96
N ALA B 181 24.90 18.43 3.68
CA ALA B 181 24.33 17.22 3.08
C ALA B 181 23.40 17.61 1.95
N PHE B 182 23.49 16.91 0.83
CA PHE B 182 22.81 17.33 -0.41
C PHE B 182 22.43 16.15 -1.30
N ALA B 183 21.18 16.13 -1.75
CA ALA B 183 20.67 15.03 -2.56
C ALA B 183 19.78 15.56 -3.68
N ASP B 184 19.92 15.00 -4.88
CA ASP B 184 19.05 15.39 -6.00
C ASP B 184 18.63 14.26 -6.96
N LYS B 185 18.85 13.01 -6.57
CA LYS B 185 18.39 11.89 -7.37
C LYS B 185 16.88 11.94 -7.53
N ASP B 186 16.18 12.44 -6.52
CA ASP B 186 14.72 12.56 -6.56
C ASP B 186 14.27 13.69 -7.47
N GLY B 187 15.23 14.49 -7.96
CA GLY B 187 14.93 15.55 -8.92
C GLY B 187 14.43 16.82 -8.29
N TRP B 188 13.39 16.71 -7.48
CA TRP B 188 12.77 17.90 -6.88
C TRP B 188 13.54 18.63 -5.77
N PRO B 189 14.37 17.93 -4.97
CA PRO B 189 14.96 18.61 -3.79
C PRO B 189 15.84 19.83 -4.08
N ALA B 190 16.54 19.83 -5.21
CA ALA B 190 17.45 20.94 -5.52
C ALA B 190 16.72 22.20 -6.00
N LEU B 191 15.48 22.05 -6.47
CA LEU B 191 14.69 23.20 -6.87
C LEU B 191 14.47 24.13 -5.68
N GLY B 192 14.47 23.55 -4.47
CA GLY B 192 14.41 24.32 -3.23
C GLY B 192 15.56 25.29 -3.05
N THR B 193 16.73 24.91 -3.57
CA THR B 193 17.92 25.77 -3.50
C THR B 193 17.84 26.89 -4.51
N PHE B 194 17.33 26.58 -5.71
CA PHE B 194 17.01 27.66 -6.64
C PHE B 194 16.01 28.64 -6.04
N ASP B 195 14.92 28.13 -5.48
CA ASP B 195 13.83 28.97 -4.94
C ASP B 195 14.35 29.95 -3.89
N ILE B 196 15.07 29.44 -2.89
CA ILE B 196 15.52 30.30 -1.79
C ILE B 196 16.61 31.29 -2.21
N LEU B 197 17.51 30.90 -3.12
CA LEU B 197 18.44 31.85 -3.71
C LEU B 197 17.73 32.96 -4.50
N ASN B 198 16.72 32.60 -5.28
CA ASN B 198 15.88 33.57 -5.98
C ASN B 198 15.14 34.51 -4.99
N LEU B 199 14.47 33.91 -4.01
CA LEU B 199 13.74 34.66 -2.97
C LEU B 199 14.64 35.61 -2.18
N ARG B 200 15.89 35.19 -1.95
CA ARG B 200 16.84 36.03 -1.21
C ARG B 200 17.40 37.17 -2.06
N ILE B 201 17.69 36.88 -3.32
CA ILE B 201 18.43 37.80 -4.16
C ILE B 201 17.49 38.73 -4.94
N ASN B 202 16.42 38.16 -5.48
CA ASN B 202 15.51 38.87 -6.39
C ASN B 202 14.13 39.12 -5.78
N GLY B 203 13.81 38.37 -4.73
CA GLY B 203 12.59 38.62 -3.97
C GLY B 203 11.40 37.81 -4.43
N TYR B 204 10.30 37.97 -3.70
CA TYR B 204 9.09 37.14 -3.89
C TYR B 204 8.36 37.48 -5.20
N ASP B 205 8.16 38.77 -5.46
CA ASP B 205 7.43 39.19 -6.66
C ASP B 205 8.12 38.72 -7.95
N TYR B 206 9.44 38.90 -8.01
CA TYR B 206 10.22 38.37 -9.11
C TYR B 206 10.03 36.84 -9.26
N HIS B 207 10.17 36.11 -8.15
CA HIS B 207 10.10 34.65 -8.19
C HIS B 207 8.78 34.21 -8.82
N ILE B 208 7.68 34.80 -8.36
CA ILE B 208 6.35 34.43 -8.86
C ILE B 208 6.18 34.81 -10.33
N LYS B 209 6.67 35.98 -10.70
CA LYS B 209 6.70 36.38 -12.12
C LYS B 209 7.35 35.29 -12.97
N LEU B 210 8.52 34.83 -12.54
CA LEU B 210 9.29 33.82 -13.27
C LEU B 210 8.52 32.51 -13.31
N MET B 211 7.97 32.11 -12.16
CA MET B 211 7.13 30.92 -12.06
C MET B 211 6.00 30.96 -13.09
N LYS B 212 5.56 32.17 -13.42
CA LYS B 212 4.47 32.37 -14.38
C LYS B 212 4.97 32.77 -15.75
N HIS B 213 6.28 32.75 -15.94
CA HIS B 213 6.88 33.18 -17.20
C HIS B 213 6.45 34.58 -17.60
N GLU B 214 6.22 35.43 -16.61
CA GLU B 214 6.08 36.87 -16.86
C GLU B 214 7.46 37.53 -16.91
N VAL B 215 8.45 36.78 -16.45
CA VAL B 215 9.86 37.13 -16.66
C VAL B 215 10.56 35.94 -17.30
N PRO B 216 11.47 36.19 -18.26
CA PRO B 216 12.10 35.07 -18.97
C PRO B 216 13.25 34.41 -18.18
N TRP B 217 13.56 33.17 -18.54
CA TRP B 217 14.59 32.40 -17.85
C TRP B 217 15.98 32.85 -18.24
N THR B 218 16.05 33.73 -19.23
CA THR B 218 17.31 34.33 -19.66
C THR B 218 17.63 35.59 -18.84
N ASP B 219 16.67 36.05 -18.05
CA ASP B 219 16.84 37.26 -17.24
C ASP B 219 18.12 37.16 -16.41
N PRO B 220 18.83 38.28 -16.24
CA PRO B 220 20.05 38.32 -15.41
C PRO B 220 19.82 37.99 -13.91
N GLY B 221 18.64 38.29 -13.38
CA GLY B 221 18.29 37.84 -12.02
C GLY B 221 18.58 36.34 -11.87
N VAL B 222 18.26 35.58 -12.91
CA VAL B 222 18.39 34.12 -12.88
C VAL B 222 19.87 33.71 -12.98
N THR B 223 20.63 34.42 -13.81
CA THR B 223 22.09 34.32 -13.80
C THR B 223 22.67 34.56 -12.40
N LYS B 224 22.16 35.58 -11.72
CA LYS B 224 22.65 35.90 -10.38
C LYS B 224 22.44 34.73 -9.41
N VAL B 225 21.28 34.08 -9.49
CA VAL B 225 20.96 32.91 -8.65
C VAL B 225 22.00 31.81 -8.83
N PHE B 226 22.23 31.40 -10.07
CA PHE B 226 23.23 30.36 -10.34
C PHE B 226 24.67 30.78 -10.04
N ASP B 227 24.98 32.06 -10.24
CA ASP B 227 26.28 32.58 -9.81
C ASP B 227 26.48 32.48 -8.28
N GLN B 228 25.42 32.71 -7.51
CA GLN B 228 25.53 32.56 -6.07
C GLN B 228 25.68 31.09 -5.72
N TRP B 229 24.95 30.25 -6.45
CA TRP B 229 25.00 28.81 -6.24
C TRP B 229 26.41 28.24 -6.50
N ARG B 230 27.09 28.76 -7.53
CA ARG B 230 28.46 28.29 -7.82
C ARG B 230 29.38 28.40 -6.61
N GLU B 231 29.25 29.48 -5.85
CA GLU B 231 30.01 29.58 -4.61
C GLU B 231 29.58 28.53 -3.57
N LEU B 232 28.26 28.36 -3.42
CA LEU B 232 27.71 27.41 -2.46
C LEU B 232 28.05 25.96 -2.83
N ALA B 233 28.13 25.67 -4.12
CA ALA B 233 28.25 24.28 -4.62
C ALA B 233 29.48 23.56 -4.03
N ALA B 234 30.57 24.31 -3.81
CA ALA B 234 31.81 23.73 -3.29
C ALA B 234 31.58 23.14 -1.90
N TYR B 235 30.46 23.50 -1.29
CA TYR B 235 30.19 23.12 0.10
C TYR B 235 29.05 22.14 0.21
N GLN B 236 28.48 21.77 -0.93
CA GLN B 236 27.45 20.74 -0.96
C GLN B 236 28.05 19.36 -1.18
N GLN B 237 27.53 18.38 -0.44
CA GLN B 237 27.92 16.97 -0.57
C GLN B 237 28.15 16.56 -2.02
N LYS B 238 29.30 15.95 -2.29
CA LYS B 238 29.56 15.38 -3.63
C LYS B 238 28.58 14.25 -3.90
N GLY B 239 28.42 13.91 -5.18
CA GLY B 239 27.64 12.74 -5.57
C GLY B 239 26.13 12.92 -5.46
N ALA B 240 25.68 14.17 -5.50
CA ALA B 240 24.32 14.48 -5.03
C ALA B 240 23.30 14.00 -6.04
N ASN B 241 23.66 14.01 -7.33
CA ASN B 241 22.71 13.54 -8.35
C ASN B 241 22.42 12.06 -8.20
N GLY B 242 23.30 11.36 -7.50
CA GLY B 242 23.11 9.94 -7.26
C GLY B 242 22.49 9.60 -5.93
N ARG B 243 22.16 10.63 -5.14
CA ARG B 243 21.72 10.42 -3.74
C ARG B 243 20.19 10.67 -3.53
N THR B 244 19.54 9.77 -2.80
CA THR B 244 18.18 10.04 -2.31
C THR B 244 18.26 11.07 -1.19
N TRP B 245 17.18 11.83 -0.97
CA TRP B 245 17.19 12.80 0.12
C TRP B 245 17.27 12.15 1.50
N GLN B 246 16.61 11.00 1.65
CA GLN B 246 16.68 10.27 2.93
C GLN B 246 18.11 9.93 3.34
N ASP B 247 18.97 9.61 2.37
CA ASP B 247 20.35 9.27 2.69
C ASP B 247 21.12 10.50 3.08
N ALA B 248 20.83 11.62 2.43
CA ALA B 248 21.41 12.89 2.84
C ALA B 248 20.93 13.29 4.26
N ALA B 249 19.66 13.05 4.56
CA ALA B 249 19.15 13.28 5.92
C ALA B 249 19.76 12.35 6.97
N LYS B 250 20.00 11.10 6.59
CA LYS B 250 20.69 10.16 7.46
C LYS B 250 22.11 10.59 7.79
N ALA B 251 22.80 11.16 6.80
CA ALA B 251 24.13 11.70 7.01
C ALA B 251 24.15 12.83 8.03
N LEU B 252 23.14 13.70 8.00
CA LEU B 252 23.03 14.73 9.04
C LEU B 252 22.76 14.08 10.36
N GLU B 253 21.73 13.22 10.42
CA GLU B 253 21.36 12.57 11.66
C GLU B 253 22.53 11.77 12.28
N ASN B 254 23.34 11.15 11.43
CA ASN B 254 24.53 10.43 11.91
C ASN B 254 25.77 11.34 12.03
N LYS B 255 25.59 12.64 11.84
CA LYS B 255 26.61 13.65 12.13
C LYS B 255 27.82 13.54 11.22
N GLN B 256 27.64 12.98 10.03
CA GLN B 256 28.67 13.01 8.98
C GLN B 256 28.61 14.32 8.21
N ALA B 257 27.47 14.99 8.28
CA ALA B 257 27.32 16.36 7.72
C ALA B 257 26.91 17.33 8.83
N GLY B 258 27.19 18.62 8.61
CA GLY B 258 26.96 19.64 9.63
C GLY B 258 25.57 20.25 9.55
N MET B 259 25.04 20.34 8.33
CA MET B 259 23.71 20.91 8.13
C MET B 259 23.08 20.40 6.84
N MET B 260 21.77 20.58 6.74
CA MET B 260 21.04 20.22 5.54
C MET B 260 19.87 21.17 5.32
N PHE B 261 19.76 21.67 4.09
CA PHE B 261 18.62 22.48 3.69
C PHE B 261 17.54 21.61 3.06
N GLN B 262 16.37 21.56 3.67
CA GLN B 262 15.20 21.03 3.00
C GLN B 262 13.96 21.32 3.81
N GLY B 263 12.86 20.61 3.50
CA GLY B 263 11.60 20.77 4.21
C GLY B 263 11.61 19.94 5.49
N SER B 264 10.91 20.40 6.52
CA SER B 264 10.89 19.60 7.75
C SER B 264 10.05 18.35 7.57
N ASN B 265 9.08 18.42 6.66
CA ASN B 265 8.30 17.23 6.26
C ASN B 265 9.21 16.09 5.81
N GLN B 266 10.41 16.46 5.36
CA GLN B 266 11.45 15.49 4.98
C GLN B 266 12.44 15.23 6.13
N VAL B 267 13.27 16.21 6.44
CA VAL B 267 14.32 16.04 7.44
C VAL B 267 13.81 15.66 8.86
N ALA B 268 12.83 16.40 9.37
CA ALA B 268 12.39 16.12 10.75
C ALA B 268 11.56 14.84 10.83
N ALA B 269 10.88 14.47 9.74
CA ALA B 269 10.13 13.20 9.66
C ALA B 269 11.09 12.01 9.57
N ASN B 270 12.21 12.20 8.91
CA ASN B 270 13.18 11.14 8.73
C ASN B 270 13.92 10.80 10.01
N TYR B 271 14.11 11.80 10.87
CA TYR B 271 14.82 11.59 12.13
C TYR B 271 14.11 10.56 12.99
N SER B 272 14.86 9.63 13.55
CA SER B 272 14.47 8.93 14.75
C SER B 272 13.74 9.87 15.70
N ALA B 273 12.71 9.37 16.36
CA ALA B 273 12.04 10.12 17.44
C ALA B 273 13.00 10.36 18.59
N LYS B 274 13.88 9.41 18.83
CA LYS B 274 14.90 9.54 19.88
C LYS B 274 15.87 10.67 19.58
N ASN B 275 16.14 10.89 18.29
CA ASN B 275 17.15 11.89 17.89
C ASN B 275 16.54 13.26 17.64
N LEU B 276 15.23 13.30 17.46
CA LEU B 276 14.53 14.51 17.04
C LEU B 276 14.73 15.71 17.97
N PRO B 277 14.84 15.48 19.29
CA PRO B 277 15.05 16.60 20.22
C PRO B 277 16.40 17.34 20.02
N ASP B 278 17.36 16.73 19.32
CA ASP B 278 18.65 17.39 19.00
C ASP B 278 18.57 18.27 17.74
N LEU B 279 17.46 18.15 17.02
CA LEU B 279 17.33 18.85 15.75
C LEU B 279 16.85 20.29 15.93
N ASP B 280 17.49 21.20 15.21
CA ASP B 280 17.06 22.58 15.15
C ASP B 280 17.35 23.09 13.73
N PHE B 281 16.91 24.31 13.44
CA PHE B 281 17.18 24.92 12.15
C PHE B 281 17.43 26.42 12.26
N PHE B 282 18.00 27.00 11.20
CA PHE B 282 17.93 28.42 10.99
C PHE B 282 17.43 28.67 9.58
N VAL B 283 16.77 29.82 9.39
CA VAL B 283 16.28 30.18 8.06
C VAL B 283 17.49 30.40 7.17
N PHE B 284 17.33 30.17 5.88
CA PHE B 284 18.45 30.35 4.95
C PHE B 284 18.98 31.78 5.09
N PRO B 285 20.30 31.94 5.22
CA PRO B 285 20.86 33.27 5.54
C PRO B 285 20.51 34.35 4.53
N ALA B 286 20.43 35.59 5.01
CA ALA B 286 20.12 36.75 4.20
C ALA B 286 21.30 37.02 3.26
N ILE B 287 20.99 37.34 2.00
CA ILE B 287 22.03 37.71 1.04
C ILE B 287 21.95 39.19 0.68
N ASN B 288 20.75 39.63 0.31
CA ASN B 288 20.49 40.99 -0.17
C ASN B 288 19.54 41.70 0.82
N PRO B 289 20.03 42.76 1.52
CA PRO B 289 19.23 43.40 2.58
C PRO B 289 17.87 43.90 2.09
N GLN B 290 17.75 44.14 0.79
CA GLN B 290 16.47 44.51 0.19
C GLN B 290 15.38 43.47 0.53
N TYR B 291 15.73 42.19 0.51
CA TYR B 291 14.76 41.12 0.80
C TYR B 291 15.04 40.35 2.10
N GLY B 292 16.12 40.72 2.79
CA GLY B 292 16.50 40.08 4.05
C GLY B 292 16.18 38.58 4.07
N THR B 293 15.48 38.15 5.11
CA THR B 293 14.93 36.80 5.15
C THR B 293 13.41 36.85 5.10
N ASP B 294 12.87 37.73 4.27
CA ASP B 294 11.44 38.01 4.27
C ASP B 294 10.58 36.87 3.73
N TYR B 295 11.19 35.94 2.98
CA TYR B 295 10.41 34.95 2.25
C TYR B 295 10.96 33.53 2.43
N MET B 296 10.11 32.54 2.14
CA MET B 296 10.52 31.14 2.13
C MET B 296 9.54 30.29 1.34
N ASP B 297 9.99 29.10 0.92
CA ASP B 297 9.07 28.07 0.44
C ASP B 297 8.48 27.47 1.71
N ALA B 298 7.15 27.48 1.85
CA ALA B 298 6.53 26.76 2.96
C ALA B 298 5.26 26.03 2.49
N PRO B 299 5.44 24.90 1.80
CA PRO B 299 4.33 24.28 1.06
C PRO B 299 3.22 23.72 1.95
N THR B 300 1.98 23.84 1.48
CA THR B 300 0.82 23.28 2.17
C THR B 300 0.43 21.95 1.53
N ASP B 301 0.13 20.96 2.36
CA ASP B 301 -0.38 19.69 1.86
C ASP B 301 -1.85 19.54 2.28
N GLY B 302 -2.64 18.87 1.44
CA GLY B 302 -4.07 18.74 1.69
C GLY B 302 -4.64 17.52 1.01
N PHE B 303 -5.94 17.56 0.77
CA PHE B 303 -6.64 16.42 0.17
C PHE B 303 -7.63 16.91 -0.88
N ILE B 304 -7.83 16.08 -1.90
CA ILE B 304 -8.75 16.40 -2.97
C ILE B 304 -9.83 15.32 -3.08
N LEU B 305 -10.87 15.62 -3.85
CA LEU B 305 -11.97 14.69 -4.08
C LEU B 305 -12.05 14.39 -5.56
N PRO B 306 -11.31 13.37 -6.03
CA PRO B 306 -11.27 13.08 -7.47
C PRO B 306 -12.66 12.89 -8.03
N LYS B 307 -12.91 13.46 -9.21
CA LYS B 307 -14.25 13.46 -9.79
C LYS B 307 -14.78 12.04 -10.04
N LYS B 308 -13.90 11.14 -10.50
CA LYS B 308 -14.33 9.76 -10.77
C LYS B 308 -14.18 8.81 -9.57
N GLY B 309 -13.83 9.36 -8.41
CA GLY B 309 -13.87 8.55 -7.18
C GLY B 309 -15.29 8.21 -6.77
N LYS B 310 -15.44 7.13 -6.00
CA LYS B 310 -16.77 6.68 -5.59
C LYS B 310 -17.20 7.28 -4.24
N ASN B 311 -18.51 7.24 -4.00
CA ASN B 311 -19.11 7.73 -2.75
C ASN B 311 -18.59 9.12 -2.33
N ALA B 312 -18.86 10.14 -3.14
CA ALA B 312 -18.54 11.51 -2.78
C ALA B 312 -19.17 11.95 -1.47
N ALA B 313 -20.41 11.51 -1.22
CA ALA B 313 -21.15 11.93 -0.03
C ALA B 313 -20.37 11.60 1.24
N ALA B 314 -19.93 10.35 1.35
CA ALA B 314 -19.15 9.94 2.52
C ALA B 314 -17.78 10.59 2.53
N ALA B 315 -17.18 10.72 1.35
CA ALA B 315 -15.88 11.40 1.21
C ALA B 315 -15.91 12.79 1.80
N LYS B 316 -17.00 13.52 1.58
CA LYS B 316 -17.12 14.91 2.03
C LYS B 316 -17.29 14.96 3.55
N LYS B 317 -17.97 13.96 4.07
CA LYS B 317 -18.06 13.78 5.50
C LYS B 317 -16.66 13.67 6.12
N VAL B 318 -15.78 12.91 5.48
CA VAL B 318 -14.41 12.74 5.97
C VAL B 318 -13.57 14.01 5.80
N LEU B 319 -13.74 14.70 4.68
CA LEU B 319 -13.12 16.02 4.47
C LEU B 319 -13.54 17.05 5.54
N GLN B 320 -14.83 17.04 5.89
CA GLN B 320 -15.33 17.98 6.90
C GLN B 320 -14.67 17.74 8.24
N TYR B 321 -14.50 16.46 8.60
CA TYR B 321 -13.74 16.14 9.78
C TYR B 321 -12.29 16.60 9.66
N ILE B 322 -11.62 16.25 8.55
CA ILE B 322 -10.20 16.59 8.39
C ILE B 322 -10.01 18.09 8.56
N GLY B 323 -10.97 18.87 8.06
CA GLY B 323 -10.85 20.34 8.07
C GLY B 323 -11.27 21.00 9.37
N THR B 324 -10.91 20.39 10.51
CA THR B 324 -11.16 20.97 11.84
C THR B 324 -9.86 21.10 12.64
N ALA B 325 -9.84 22.02 13.62
CA ALA B 325 -8.76 22.08 14.61
C ALA B 325 -8.57 20.76 15.38
N GLU B 326 -9.67 20.08 15.71
CA GLU B 326 -9.58 18.80 16.44
C GLU B 326 -8.82 17.72 15.67
N ALA B 327 -9.07 17.62 14.38
CA ALA B 327 -8.44 16.58 13.56
C ALA B 327 -6.95 16.85 13.36
N GLU B 328 -6.60 18.11 13.17
CA GLU B 328 -5.20 18.54 13.11
C GLU B 328 -4.46 18.21 14.39
N ALA B 329 -5.07 18.54 15.53
CA ALA B 329 -4.46 18.32 16.82
C ALA B 329 -4.27 16.83 17.07
N ALA B 330 -5.27 16.03 16.72
CA ALA B 330 -5.15 14.60 16.84
C ALA B 330 -4.04 14.06 15.93
N PHE B 331 -4.03 14.54 14.68
CA PHE B 331 -2.99 14.17 13.74
C PHE B 331 -1.58 14.51 14.27
N LEU B 332 -1.47 15.68 14.90
CA LEU B 332 -0.18 16.19 15.37
C LEU B 332 0.33 15.45 16.63
N LYS B 333 -0.45 14.50 17.14
CA LYS B 333 0.00 13.65 18.26
C LYS B 333 1.00 12.63 17.72
N THR B 334 0.97 12.44 16.40
CA THR B 334 1.89 11.49 15.75
C THR B 334 2.84 12.20 14.79
N ASP B 335 2.34 13.22 14.09
CA ASP B 335 3.19 14.05 13.21
C ASP B 335 3.90 15.12 14.07
N HIS B 336 5.21 14.96 14.21
CA HIS B 336 6.01 15.83 15.06
C HIS B 336 6.93 16.74 14.26
N TRP B 337 6.66 16.85 12.96
CA TRP B 337 7.57 17.57 12.05
C TRP B 337 6.88 18.71 11.27
N ASP B 338 5.56 18.60 11.09
CA ASP B 338 4.78 19.56 10.31
C ASP B 338 4.02 20.49 11.27
N VAL B 339 3.38 21.52 10.71
CA VAL B 339 2.63 22.50 11.50
C VAL B 339 1.19 22.73 10.98
N GLY B 340 0.20 22.57 11.87
CA GLY B 340 -1.19 22.65 11.47
C GLY B 340 -1.64 24.05 11.04
N LEU B 341 -2.64 24.11 10.17
CA LEU B 341 -3.03 25.37 9.53
C LEU B 341 -4.27 26.03 10.12
N ALA B 342 -4.92 25.38 11.07
CA ALA B 342 -6.25 25.81 11.49
C ALA B 342 -6.19 27.01 12.42
N ASN B 343 -7.10 27.96 12.20
CA ASN B 343 -7.21 29.18 13.01
C ASN B 343 -7.16 29.01 14.52
N GLY B 344 -7.79 27.97 15.03
CA GLY B 344 -7.99 27.84 16.47
C GLY B 344 -7.10 26.78 17.08
N LEU B 345 -6.14 26.32 16.28
CA LEU B 345 -5.33 25.18 16.64
C LEU B 345 -4.41 25.56 17.80
N ILE B 346 -4.56 24.85 18.92
CA ILE B 346 -3.52 24.85 19.93
C ILE B 346 -3.05 23.42 20.13
N ALA B 347 -1.79 23.16 19.81
CA ALA B 347 -1.26 21.79 19.81
C ALA B 347 -0.35 21.58 21.01
N PRO B 348 -0.88 20.93 22.04
CA PRO B 348 -0.14 20.67 23.28
C PRO B 348 1.12 19.86 23.00
N THR B 349 1.05 19.03 21.96
CA THR B 349 2.14 18.12 21.61
C THR B 349 3.37 18.88 21.15
N TYR B 350 3.16 20.09 20.62
CA TYR B 350 4.17 20.74 19.78
C TYR B 350 5.54 20.69 20.45
N ASN B 351 6.54 20.24 19.70
CA ASN B 351 7.92 20.32 20.15
C ASN B 351 8.56 21.66 19.74
N ASP B 352 9.82 21.86 20.09
CA ASP B 352 10.52 23.11 19.79
C ASP B 352 10.62 23.36 18.28
N ILE B 353 10.81 22.29 17.52
CA ILE B 353 10.90 22.42 16.08
C ILE B 353 9.62 22.99 15.49
N GLN B 354 8.48 22.48 15.98
CA GLN B 354 7.18 22.88 15.47
C GLN B 354 6.84 24.34 15.85
N LYS B 355 7.08 24.69 17.11
CA LYS B 355 6.85 26.07 17.58
C LYS B 355 7.68 27.10 16.81
N LYS B 356 8.95 26.76 16.58
CA LYS B 356 9.83 27.64 15.81
C LYS B 356 9.36 27.73 14.35
N SER B 357 8.83 26.63 13.85
CA SER B 357 8.29 26.60 12.48
C SER B 357 7.13 27.58 12.36
N VAL B 358 6.19 27.52 13.30
CA VAL B 358 5.08 28.47 13.32
C VAL B 358 5.58 29.92 13.37
N ALA B 359 6.47 30.21 14.33
CA ALA B 359 6.99 31.57 14.48
C ALA B 359 7.75 32.07 13.24
N GLU B 360 8.60 31.22 12.66
CA GLU B 360 9.42 31.66 11.52
C GLU B 360 8.61 31.87 10.24
N ILE B 361 7.65 30.99 9.98
CA ILE B 361 6.81 31.11 8.82
C ILE B 361 5.91 32.35 8.94
N GLY B 362 5.36 32.56 10.14
CA GLY B 362 4.49 33.71 10.43
C GLY B 362 5.22 35.05 10.32
N LYS B 363 6.54 35.01 10.43
CA LYS B 363 7.36 36.22 10.33
C LYS B 363 7.50 36.67 8.89
N CYS B 364 7.53 35.71 7.96
CA CYS B 364 7.70 36.03 6.55
C CYS B 364 6.60 36.96 6.06
N LYS B 365 6.97 37.89 5.18
CA LYS B 365 5.99 38.79 4.55
C LYS B 365 5.05 37.94 3.69
N SER B 366 5.64 37.08 2.87
CA SER B 366 4.90 36.08 2.12
C SER B 366 5.68 34.79 2.10
N VAL B 367 4.99 33.71 1.76
CA VAL B 367 5.57 32.39 1.62
C VAL B 367 5.18 31.89 0.23
N SER B 368 6.11 31.36 -0.55
CA SER B 368 5.72 30.56 -1.72
C SER B 368 5.58 29.10 -1.32
N GLN B 369 5.34 28.23 -2.33
CA GLN B 369 5.17 26.80 -2.06
C GLN B 369 6.46 26.02 -2.38
N PHE B 370 6.77 25.89 -3.66
CA PHE B 370 7.97 25.20 -4.15
C PHE B 370 7.88 25.28 -5.67
N MET B 371 9.02 25.34 -6.34
CA MET B 371 9.00 25.47 -7.79
C MET B 371 7.99 24.53 -8.47
N ASP B 372 8.02 23.25 -8.14
CA ASP B 372 7.10 22.29 -8.79
C ASP B 372 5.67 22.32 -8.22
N ARG B 373 5.44 23.15 -7.21
CA ARG B 373 4.08 23.52 -6.87
C ARG B 373 3.64 24.90 -7.39
N ASP B 374 4.57 25.70 -7.88
CA ASP B 374 4.25 27.10 -8.26
C ASP B 374 4.26 27.41 -9.76
N THR B 375 4.75 26.49 -10.59
CA THR B 375 4.75 26.70 -12.03
C THR B 375 4.07 25.56 -12.73
N VAL B 376 4.02 25.61 -14.05
CA VAL B 376 3.49 24.50 -14.84
C VAL B 376 4.35 23.25 -14.62
N PRO B 377 3.70 22.09 -14.40
CA PRO B 377 4.45 20.86 -14.11
C PRO B 377 5.50 20.54 -15.19
N ASP B 378 5.16 20.69 -16.47
CA ASP B 378 6.15 20.53 -17.54
C ASP B 378 7.35 21.48 -17.36
N MET B 379 7.10 22.68 -16.88
CA MET B 379 8.20 23.64 -16.71
C MET B 379 9.11 23.18 -15.59
N ALA B 380 8.51 22.78 -14.46
CA ALA B 380 9.27 22.26 -13.34
C ALA B 380 10.08 21.00 -13.72
N ASN B 381 9.48 20.13 -14.51
CA ASN B 381 10.18 18.95 -15.00
C ASN B 381 11.38 19.31 -15.84
N ALA B 382 11.21 20.31 -16.69
CA ALA B 382 12.31 20.85 -17.50
C ALA B 382 13.44 21.35 -16.61
N MET B 383 13.08 22.07 -15.55
CA MET B 383 14.06 22.68 -14.64
C MET B 383 14.73 21.62 -13.76
N ILE B 384 13.98 20.58 -13.43
CA ILE B 384 14.53 19.50 -12.62
C ILE B 384 15.78 18.99 -13.28
N LYS B 385 15.70 18.79 -14.60
CA LYS B 385 16.79 18.21 -15.37
C LYS B 385 17.94 19.19 -15.50
N LEU B 386 17.62 20.44 -15.85
CA LEU B 386 18.65 21.47 -16.13
C LEU B 386 19.40 21.84 -14.85
N ILE B 387 18.71 21.78 -13.72
CA ILE B 387 19.37 22.00 -12.44
C ILE B 387 20.31 20.84 -12.08
N GLN B 388 19.94 19.61 -12.46
CA GLN B 388 20.83 18.46 -12.33
C GLN B 388 22.08 18.57 -13.22
N GLN B 389 21.91 19.14 -14.39
CA GLN B 389 23.00 19.42 -15.29
C GLN B 389 23.94 20.47 -14.68
N PHE B 390 23.36 21.48 -14.01
CA PHE B 390 24.17 22.49 -13.31
C PHE B 390 24.95 21.87 -12.15
N ILE B 391 24.28 21.05 -11.35
CA ILE B 391 24.91 20.41 -10.20
C ILE B 391 26.10 19.59 -10.66
N ASP B 392 25.92 18.89 -11.78
CA ASP B 392 26.99 18.05 -12.36
C ASP B 392 28.17 18.91 -12.84
N GLN B 393 27.88 20.11 -13.36
CA GLN B 393 28.91 20.98 -13.93
C GLN B 393 28.59 22.47 -13.67
N PRO B 394 28.93 22.98 -12.49
CA PRO B 394 28.43 24.30 -12.11
C PRO B 394 29.32 25.42 -12.63
N THR B 395 29.33 25.62 -13.94
CA THR B 395 30.20 26.58 -14.59
C THR B 395 29.37 27.69 -15.24
N PRO B 396 30.01 28.85 -15.53
CA PRO B 396 29.28 29.85 -16.30
C PRO B 396 28.78 29.32 -17.64
N GLU B 397 29.54 28.42 -18.28
CA GLU B 397 29.14 27.85 -19.58
C GLU B 397 27.87 27.04 -19.43
N THR B 398 27.81 26.24 -18.38
CA THR B 398 26.59 25.49 -18.05
C THR B 398 25.40 26.40 -17.73
N ILE B 399 25.66 27.47 -16.99
CA ILE B 399 24.57 28.37 -16.63
C ILE B 399 23.95 28.99 -17.89
N ALA B 400 24.79 29.35 -18.85
CA ALA B 400 24.29 29.98 -20.07
C ALA B 400 23.47 28.96 -20.88
N THR B 401 23.91 27.70 -20.88
CA THR B 401 23.15 26.61 -21.53
C THR B 401 21.77 26.43 -20.89
N VAL B 402 21.75 26.35 -19.57
CA VAL B 402 20.51 26.22 -18.79
C VAL B 402 19.51 27.33 -19.05
N GLN B 403 19.95 28.57 -18.93
CA GLN B 403 19.08 29.73 -19.20
C GLN B 403 18.45 29.67 -20.60
N LYS B 404 19.23 29.32 -21.62
CA LYS B 404 18.72 29.23 -22.99
C LYS B 404 17.73 28.07 -23.20
N SER B 405 18.08 26.88 -22.73
CA SER B 405 17.18 25.74 -22.85
C SER B 405 15.90 25.95 -22.02
N ALA B 406 16.06 26.46 -20.81
CA ALA B 406 14.92 26.78 -19.96
C ALA B 406 13.96 27.78 -20.65
N GLU B 407 14.50 28.90 -21.13
CA GLU B 407 13.66 29.90 -21.80
C GLU B 407 13.01 29.35 -23.06
N ASP B 408 13.76 28.55 -23.82
CA ASP B 408 13.23 27.90 -25.02
C ASP B 408 12.06 26.97 -24.75
N GLN B 409 12.21 26.09 -23.75
CA GLN B 409 11.11 25.20 -23.37
C GLN B 409 9.91 25.99 -22.78
N ALA B 410 10.21 27.07 -22.09
CA ALA B 410 9.19 27.92 -21.48
C ALA B 410 8.27 28.55 -22.53
N LYS B 411 8.86 28.96 -23.65
CA LYS B 411 8.09 29.56 -24.73
C LYS B 411 7.10 28.56 -25.34
N THR B 412 7.46 27.29 -25.33
CA THR B 412 6.54 26.24 -25.77
C THR B 412 5.48 25.91 -24.73
N ILE B 413 5.90 25.75 -23.48
CA ILE B 413 5.01 25.28 -22.42
C ILE B 413 3.92 26.30 -22.09
N PHE B 414 4.31 27.56 -21.95
CA PHE B 414 3.35 28.64 -21.86
C PHE B 414 2.92 28.98 -23.28
N ARG B 415 1.82 29.69 -23.45
CA ARG B 415 1.33 29.98 -24.81
C ARG B 415 0.27 28.98 -25.24
#